data_5W4V
#
_entry.id   5W4V
#
_cell.length_a   133.118
_cell.length_b   133.118
_cell.length_c   181.843
_cell.angle_alpha   90.000
_cell.angle_beta   90.000
_cell.angle_gamma   120.000
#
_symmetry.space_group_name_H-M   'P 31 2 1'
#
loop_
_entity.id
_entity.type
_entity.pdbx_description
1 polymer 'Nuclear receptor ROR-gamma'
2 non-polymer (R)-(4-chloro-2-methoxy-3-{[4-(1H-pyrazol-1-yl)phenyl]methyl}quinolin-6-yl)(1-methyl-1H-imidazol-5-yl)[6-(trifluoromethyl)pyridin-3-yl]methanol
3 water water
#
_entity_poly.entity_id   1
_entity_poly.type   'polypeptide(L)'
_entity_poly.pdbx_seq_one_letter_code
;SLTEIEHLVQSVCKSYRETCQLRLEDLLRQRSNIFSREEVTGYQRKSMWEMWERCAHHLTEAIQYVVEFAKRLSGFMELC
QNDQIVLLKAGAMEVVLVRMCRAYNADNRTVFFEGKYGGMELFRALGCSELISSIFDFSHSLSALHFSEDEIALYTALVL
INAHRPGLQEKRKVEQLQYNLELAFHHHLHKTHRQSILAKLPPKGKLRSL
;
_entity_poly.pdbx_strand_id   A,B,C,D,E,F
#
# COMPACT_ATOMS: atom_id res chain seq x y z
N LEU A 2 14.95 -19.89 18.51
CA LEU A 2 16.04 -20.09 17.56
C LEU A 2 15.52 -20.77 16.31
N THR A 3 14.66 -21.78 16.50
CA THR A 3 13.97 -22.37 15.36
C THR A 3 13.13 -21.34 14.61
N GLU A 4 12.77 -20.24 15.27
CA GLU A 4 12.05 -19.16 14.58
C GLU A 4 12.98 -18.40 13.65
N ILE A 5 14.12 -17.95 14.17
CA ILE A 5 15.10 -17.25 13.34
C ILE A 5 15.64 -18.18 12.27
N GLU A 6 15.96 -19.43 12.65
CA GLU A 6 16.59 -20.34 11.70
C GLU A 6 15.65 -20.74 10.58
N HIS A 7 14.34 -20.72 10.83
CA HIS A 7 13.38 -20.97 9.76
C HIS A 7 13.23 -19.75 8.85
N LEU A 8 13.41 -18.55 9.40
CA LEU A 8 13.43 -17.35 8.57
C LEU A 8 14.63 -17.36 7.64
N VAL A 9 15.80 -17.77 8.16
CA VAL A 9 16.97 -17.92 7.31
C VAL A 9 16.72 -18.95 6.22
N GLN A 10 15.97 -20.00 6.54
CA GLN A 10 15.71 -21.05 5.57
C GLN A 10 14.77 -20.57 4.47
N SER A 11 13.66 -19.94 4.84
CA SER A 11 12.69 -19.51 3.84
C SER A 11 13.22 -18.36 3.00
N VAL A 12 14.13 -17.55 3.54
CA VAL A 12 14.74 -16.49 2.76
C VAL A 12 15.70 -17.08 1.73
N CYS A 13 16.53 -18.04 2.15
CA CYS A 13 17.44 -18.68 1.22
C CYS A 13 16.67 -19.49 0.16
N LYS A 14 15.67 -20.24 0.60
CA LYS A 14 14.86 -21.00 -0.35
C LYS A 14 14.19 -20.07 -1.35
N SER A 15 13.66 -18.94 -0.89
CA SER A 15 13.05 -17.98 -1.80
C SER A 15 14.08 -17.43 -2.79
N TYR A 16 15.29 -17.13 -2.31
CA TYR A 16 16.34 -16.68 -3.20
C TYR A 16 16.68 -17.76 -4.23
N ARG A 17 16.83 -19.00 -3.78
CA ARG A 17 17.11 -20.11 -4.69
C ARG A 17 16.09 -20.17 -5.81
N GLU A 18 14.81 -20.04 -5.48
CA GLU A 18 13.75 -20.16 -6.47
C GLU A 18 13.63 -18.94 -7.38
N THR A 19 14.41 -17.88 -7.13
CA THR A 19 14.28 -16.65 -7.89
C THR A 19 15.61 -16.08 -8.36
N CYS A 20 16.72 -16.82 -8.19
CA CYS A 20 18.03 -16.29 -8.57
C CYS A 20 18.17 -16.04 -10.07
N GLN A 21 17.18 -16.41 -10.88
CA GLN A 21 17.26 -16.21 -12.33
C GLN A 21 18.34 -17.08 -12.95
N LEU A 22 19.60 -16.71 -12.74
CA LEU A 22 20.74 -17.46 -13.24
C LEU A 22 21.42 -18.16 -12.07
N ARG A 23 21.58 -19.48 -12.15
CA ARG A 23 22.19 -20.23 -11.07
C ARG A 23 23.69 -19.98 -11.04
N LEU A 24 24.26 -19.96 -9.82
CA LEU A 24 25.68 -19.66 -9.68
C LEU A 24 26.53 -20.70 -10.39
N GLU A 25 26.19 -21.98 -10.26
CA GLU A 25 27.00 -23.02 -10.88
C GLU A 25 27.11 -22.83 -12.38
N ASP A 26 26.04 -22.38 -13.03
CA ASP A 26 26.08 -22.20 -14.47
C ASP A 26 26.92 -21.00 -14.87
N LEU A 27 26.91 -19.94 -14.06
CA LEU A 27 27.77 -18.79 -14.32
C LEU A 27 29.25 -19.16 -14.19
N LEU A 28 29.58 -19.97 -13.18
CA LEU A 28 30.98 -20.35 -12.98
C LEU A 28 31.45 -21.31 -14.07
N ARG A 29 30.57 -22.23 -14.49
CA ARG A 29 30.96 -23.18 -15.54
C ARG A 29 31.26 -22.48 -16.86
N GLN A 30 30.78 -21.27 -17.05
CA GLN A 30 30.94 -20.53 -18.31
C GLN A 30 32.08 -19.52 -18.25
N ARG A 31 32.81 -19.43 -17.15
CA ARG A 31 33.82 -18.37 -17.02
C ARG A 31 34.87 -18.46 -18.12
N SER A 32 35.27 -19.68 -18.49
CA SER A 32 36.27 -19.83 -19.54
C SER A 32 35.73 -19.46 -20.92
N ASN A 33 34.43 -19.18 -21.04
CA ASN A 33 33.83 -18.84 -22.33
C ASN A 33 33.84 -17.31 -22.47
N ILE A 34 34.98 -16.79 -22.93
CA ILE A 34 35.18 -15.35 -23.07
C ILE A 34 34.83 -14.94 -24.50
N PHE A 35 34.22 -13.76 -24.63
CA PHE A 35 33.95 -13.21 -25.95
C PHE A 35 35.25 -13.05 -26.73
N SER A 36 35.22 -13.42 -27.99
CA SER A 36 36.38 -13.22 -28.86
C SER A 36 36.47 -11.75 -29.27
N ARG A 37 37.55 -11.41 -29.97
CA ARG A 37 37.72 -10.04 -30.42
C ARG A 37 36.72 -9.70 -31.52
N GLU A 38 36.45 -10.65 -32.41
CA GLU A 38 35.42 -10.44 -33.43
C GLU A 38 34.08 -10.10 -32.78
N GLU A 39 33.72 -10.84 -31.73
CA GLU A 39 32.44 -10.60 -31.07
C GLU A 39 32.42 -9.28 -30.32
N VAL A 40 33.56 -8.87 -29.76
CA VAL A 40 33.63 -7.58 -29.09
C VAL A 40 33.40 -6.45 -30.09
N THR A 41 34.07 -6.53 -31.24
CA THR A 41 33.87 -5.51 -32.26
C THR A 41 32.43 -5.44 -32.72
N GLY A 42 31.76 -6.59 -32.80
CA GLY A 42 30.34 -6.60 -33.15
C GLY A 42 29.51 -5.77 -32.18
N TYR A 43 29.78 -5.93 -30.88
CA TYR A 43 29.09 -5.11 -29.89
C TYR A 43 29.48 -3.64 -30.02
N GLN A 44 30.75 -3.37 -30.30
CA GLN A 44 31.20 -2.00 -30.42
C GLN A 44 30.69 -1.32 -31.69
N ARG A 45 30.34 -2.10 -32.72
CA ARG A 45 29.82 -1.52 -33.95
C ARG A 45 28.32 -1.24 -33.89
N LYS A 46 27.62 -1.79 -32.91
CA LYS A 46 26.19 -1.55 -32.81
C LYS A 46 25.90 -0.07 -32.60
N SER A 47 24.61 0.28 -32.70
CA SER A 47 24.21 1.67 -32.56
C SER A 47 24.00 2.01 -31.09
N MET A 48 23.99 3.32 -30.80
CA MET A 48 23.74 3.76 -29.44
C MET A 48 22.40 3.27 -28.93
N TRP A 49 21.39 3.22 -29.81
CA TRP A 49 20.07 2.77 -29.39
C TRP A 49 20.00 1.26 -29.23
N GLU A 50 20.77 0.51 -30.03
CA GLU A 50 20.73 -0.94 -29.92
C GLU A 50 21.29 -1.42 -28.59
N MET A 51 22.40 -0.84 -28.15
CA MET A 51 22.98 -1.24 -26.87
C MET A 51 22.15 -0.75 -25.69
N TRP A 52 21.72 0.52 -25.73
CA TRP A 52 20.81 1.02 -24.70
C TRP A 52 19.57 0.14 -24.60
N GLU A 53 19.02 -0.26 -25.75
CA GLU A 53 17.83 -1.10 -25.74
C GLU A 53 18.13 -2.48 -25.18
N ARG A 54 19.26 -3.07 -25.57
CA ARG A 54 19.66 -4.37 -25.01
C ARG A 54 19.72 -4.31 -23.48
N CYS A 55 20.55 -3.42 -22.95
CA CYS A 55 20.73 -3.36 -21.50
C CYS A 55 19.40 -3.09 -20.80
N ALA A 56 18.60 -2.18 -21.33
CA ALA A 56 17.30 -1.90 -20.72
C ALA A 56 16.45 -3.15 -20.61
N HIS A 57 16.42 -3.96 -21.66
CA HIS A 57 15.66 -5.20 -21.63
C HIS A 57 16.17 -6.14 -20.55
N HIS A 58 17.48 -6.35 -20.49
CA HIS A 58 18.04 -7.26 -19.50
C HIS A 58 17.75 -6.78 -18.08
N LEU A 59 17.91 -5.48 -17.82
CA LEU A 59 17.65 -4.96 -16.48
C LEU A 59 16.18 -5.11 -16.10
N THR A 60 15.28 -4.72 -17.00
CA THR A 60 13.84 -4.88 -16.72
C THR A 60 13.51 -6.33 -16.38
N GLU A 61 14.06 -7.28 -17.13
CA GLU A 61 13.77 -8.68 -16.86
C GLU A 61 14.32 -9.10 -15.50
N ALA A 62 15.49 -8.58 -15.13
CA ALA A 62 16.07 -8.91 -13.84
C ALA A 62 15.21 -8.39 -12.70
N ILE A 63 14.65 -7.19 -12.87
CA ILE A 63 13.80 -6.61 -11.82
C ILE A 63 12.61 -7.52 -11.54
N GLN A 64 12.02 -8.10 -12.59
CA GLN A 64 10.88 -9.00 -12.40
C GLN A 64 11.22 -10.13 -11.43
N TYR A 65 12.41 -10.72 -11.60
CA TYR A 65 12.83 -11.77 -10.68
C TYR A 65 12.95 -11.23 -9.26
N VAL A 66 13.43 -9.99 -9.11
CA VAL A 66 13.52 -9.39 -7.79
C VAL A 66 12.13 -9.17 -7.22
N VAL A 67 11.16 -8.83 -8.06
CA VAL A 67 9.79 -8.69 -7.60
C VAL A 67 9.31 -10.00 -6.98
N GLU A 68 9.63 -11.12 -7.63
CA GLU A 68 9.25 -12.42 -7.07
C GLU A 68 9.97 -12.69 -5.76
N PHE A 69 11.25 -12.33 -5.68
CA PHE A 69 11.97 -12.50 -4.42
C PHE A 69 11.25 -11.78 -3.28
N ALA A 70 10.75 -10.56 -3.54
CA ALA A 70 10.01 -9.83 -2.52
C ALA A 70 8.68 -10.52 -2.20
N LYS A 71 7.98 -11.02 -3.23
CA LYS A 71 6.69 -11.66 -3.00
C LYS A 71 6.80 -12.83 -2.02
N ARG A 72 7.93 -13.52 -2.00
CA ARG A 72 8.08 -14.74 -1.22
C ARG A 72 8.78 -14.52 0.12
N LEU A 73 9.21 -13.29 0.40
CA LEU A 73 9.70 -12.96 1.73
C LEU A 73 8.54 -12.96 2.72
N SER A 74 8.61 -13.84 3.71
CA SER A 74 7.52 -13.96 4.67
C SER A 74 7.23 -12.60 5.31
N GLY A 75 6.00 -12.12 5.11
CA GLY A 75 5.54 -10.86 5.67
C GLY A 75 5.42 -9.76 4.63
N PHE A 76 6.20 -9.82 3.55
CA PHE A 76 6.16 -8.76 2.55
C PHE A 76 4.77 -8.65 1.93
N MET A 77 4.15 -9.77 1.59
CA MET A 77 2.81 -9.74 1.02
C MET A 77 1.81 -9.13 2.00
N GLU A 78 2.04 -9.30 3.31
CA GLU A 78 1.11 -8.77 4.30
C GLU A 78 1.16 -7.26 4.38
N LEU A 79 2.29 -6.66 4.03
CA LEU A 79 2.40 -5.20 4.02
C LEU A 79 1.38 -4.61 3.04
N CYS A 80 1.06 -3.33 3.25
CA CYS A 80 0.07 -2.69 2.42
C CYS A 80 0.57 -2.52 0.99
N GLN A 81 -0.36 -2.36 0.06
CA GLN A 81 -0.02 -2.28 -1.36
C GLN A 81 0.97 -1.16 -1.61
N ASN A 82 0.69 0.04 -1.10
CA ASN A 82 1.57 1.17 -1.34
C ASN A 82 2.98 0.89 -0.83
N ASP A 83 3.10 0.39 0.41
CA ASP A 83 4.42 0.09 0.95
C ASP A 83 5.15 -0.94 0.10
N GLN A 84 4.42 -1.88 -0.50
CA GLN A 84 5.05 -2.85 -1.40
C GLN A 84 5.63 -2.16 -2.62
N ILE A 85 4.92 -1.16 -3.15
CA ILE A 85 5.39 -0.45 -4.34
C ILE A 85 6.62 0.38 -4.01
N VAL A 86 6.56 1.12 -2.90
CA VAL A 86 7.67 2.01 -2.54
C VAL A 86 8.94 1.21 -2.27
N LEU A 87 8.82 0.14 -1.48
CA LEU A 87 10.00 -0.68 -1.20
C LEU A 87 10.61 -1.24 -2.47
N LEU A 88 9.77 -1.75 -3.37
CA LEU A 88 10.29 -2.33 -4.61
C LEU A 88 10.90 -1.26 -5.50
N LYS A 89 10.19 -0.14 -5.70
CA LYS A 89 10.74 0.91 -6.55
C LYS A 89 12.02 1.49 -5.97
N ALA A 90 12.20 1.40 -4.66
CA ALA A 90 13.37 2.01 -4.03
C ALA A 90 14.57 1.07 -4.04
N GLY A 91 14.35 -0.25 -3.95
CA GLY A 91 15.45 -1.17 -3.77
C GLY A 91 15.54 -2.30 -4.78
N ALA A 92 14.56 -2.42 -5.67
CA ALA A 92 14.58 -3.53 -6.63
C ALA A 92 15.85 -3.49 -7.48
N MET A 93 16.20 -2.33 -8.03
CA MET A 93 17.41 -2.22 -8.83
C MET A 93 18.67 -2.32 -7.98
N GLU A 94 18.61 -1.88 -6.72
CA GLU A 94 19.74 -2.09 -5.82
C GLU A 94 20.03 -3.58 -5.64
N VAL A 95 18.98 -4.41 -5.63
CA VAL A 95 19.18 -5.84 -5.52
C VAL A 95 19.67 -6.42 -6.84
N VAL A 96 19.23 -5.86 -7.96
CA VAL A 96 19.71 -6.33 -9.26
C VAL A 96 21.21 -6.11 -9.38
N LEU A 97 21.68 -4.92 -9.00
CA LEU A 97 23.10 -4.62 -9.12
C LEU A 97 23.93 -5.50 -8.18
N VAL A 98 23.41 -5.76 -6.97
CA VAL A 98 24.11 -6.68 -6.07
C VAL A 98 24.16 -8.07 -6.68
N ARG A 99 23.03 -8.54 -7.21
CA ARG A 99 23.00 -9.84 -7.87
C ARG A 99 23.99 -9.90 -9.03
N MET A 100 24.28 -8.75 -9.64
CA MET A 100 25.14 -8.74 -10.83
C MET A 100 26.55 -9.19 -10.51
N CYS A 101 27.00 -9.03 -9.26
CA CYS A 101 28.35 -9.45 -8.90
C CYS A 101 28.52 -10.96 -9.09
N ARG A 102 27.43 -11.72 -9.01
CA ARG A 102 27.52 -13.15 -9.26
C ARG A 102 28.03 -13.44 -10.67
N ALA A 103 27.71 -12.56 -11.63
CA ALA A 103 28.15 -12.72 -13.01
C ALA A 103 29.50 -12.10 -13.28
N TYR A 104 30.19 -11.61 -12.25
CA TYR A 104 31.45 -10.91 -12.40
C TYR A 104 32.60 -11.82 -11.95
N ASN A 105 33.65 -11.88 -12.77
CA ASN A 105 34.85 -12.65 -12.47
C ASN A 105 35.99 -11.68 -12.21
N ALA A 106 36.41 -11.58 -10.94
CA ALA A 106 37.47 -10.65 -10.59
C ALA A 106 38.86 -11.12 -11.00
N ASP A 107 39.01 -12.41 -11.31
CA ASP A 107 40.31 -12.92 -11.73
C ASP A 107 40.76 -12.27 -13.05
N ASN A 108 39.82 -12.04 -13.97
CA ASN A 108 40.11 -11.39 -15.23
C ASN A 108 39.27 -10.14 -15.47
N ARG A 109 38.46 -9.73 -14.49
CA ARG A 109 37.67 -8.50 -14.59
C ARG A 109 36.70 -8.56 -15.77
N THR A 110 35.97 -9.66 -15.87
CA THR A 110 34.96 -9.85 -16.90
C THR A 110 33.60 -10.10 -16.25
N VAL A 111 32.55 -9.94 -17.05
CA VAL A 111 31.18 -10.12 -16.59
C VAL A 111 30.41 -10.94 -17.61
N PHE A 112 29.55 -11.82 -17.12
CA PHE A 112 28.73 -12.63 -18.01
C PHE A 112 27.63 -11.75 -18.63
N PHE A 113 27.47 -11.84 -19.95
CA PHE A 113 26.50 -11.00 -20.64
C PHE A 113 26.16 -11.66 -21.97
N GLU A 114 24.92 -12.12 -22.10
CA GLU A 114 24.41 -12.65 -23.36
C GLU A 114 25.24 -13.84 -23.85
N GLY A 115 25.56 -14.76 -22.94
CA GLY A 115 26.13 -16.04 -23.28
C GLY A 115 27.60 -16.20 -22.96
N LYS A 116 28.35 -15.10 -22.88
CA LYS A 116 29.79 -15.18 -22.67
C LYS A 116 30.25 -14.07 -21.73
N TYR A 117 31.52 -14.15 -21.34
CA TYR A 117 32.14 -13.18 -20.43
C TYR A 117 32.87 -12.12 -21.23
N GLY A 118 32.62 -10.85 -20.90
CA GLY A 118 33.27 -9.75 -21.58
C GLY A 118 33.63 -8.65 -20.60
N GLY A 119 34.64 -7.87 -20.98
CA GLY A 119 35.08 -6.75 -20.19
C GLY A 119 34.24 -5.52 -20.41
N MET A 120 34.68 -4.41 -19.81
CA MET A 120 33.95 -3.16 -19.94
C MET A 120 33.90 -2.65 -21.37
N GLU A 121 34.88 -3.03 -22.22
CA GLU A 121 34.87 -2.58 -23.61
C GLU A 121 33.72 -3.17 -24.41
N LEU A 122 33.00 -4.14 -23.86
CA LEU A 122 31.84 -4.71 -24.54
C LEU A 122 30.70 -3.70 -24.68
N PHE A 123 30.67 -2.67 -23.83
CA PHE A 123 29.57 -1.71 -23.77
C PHE A 123 29.94 -0.35 -24.34
N ARG A 124 31.05 -0.26 -25.08
CA ARG A 124 31.53 1.05 -25.53
C ARG A 124 30.49 1.81 -26.33
N ALA A 125 29.67 1.10 -27.11
CA ALA A 125 28.67 1.77 -27.94
C ALA A 125 27.63 2.51 -27.12
N LEU A 126 27.50 2.20 -25.84
CA LEU A 126 26.48 2.87 -25.01
C LEU A 126 26.74 4.36 -24.91
N GLY A 127 28.01 4.75 -24.82
CA GLY A 127 28.34 6.12 -24.46
C GLY A 127 28.13 6.42 -22.99
N CYS A 128 28.25 5.41 -22.13
CA CYS A 128 28.07 5.54 -20.69
C CYS A 128 29.26 4.94 -19.96
N SER A 129 30.45 5.41 -20.32
CA SER A 129 31.67 4.79 -19.80
C SER A 129 31.79 4.99 -18.29
N GLU A 130 31.42 6.16 -17.78
CA GLU A 130 31.47 6.38 -16.34
C GLU A 130 30.47 5.50 -15.60
N LEU A 131 29.24 5.39 -16.12
CA LEU A 131 28.25 4.51 -15.51
C LEU A 131 28.74 3.07 -15.51
N ILE A 132 29.14 2.56 -16.67
CA ILE A 132 29.61 1.18 -16.77
C ILE A 132 30.81 0.96 -15.87
N SER A 133 31.78 1.89 -15.91
CA SER A 133 32.91 1.81 -15.00
C SER A 133 32.47 1.66 -13.55
N SER A 134 31.31 2.23 -13.21
CA SER A 134 30.82 2.14 -11.83
C SER A 134 30.26 0.77 -11.53
N ILE A 135 29.54 0.18 -12.49
CA ILE A 135 29.03 -1.17 -12.31
C ILE A 135 30.18 -2.15 -12.13
N PHE A 136 31.21 -2.03 -12.97
CA PHE A 136 32.38 -2.90 -12.85
C PHE A 136 33.08 -2.68 -11.51
N ASP A 137 33.34 -1.42 -11.18
CA ASP A 137 34.05 -1.13 -9.93
C ASP A 137 33.24 -1.59 -8.72
N PHE A 138 31.92 -1.36 -8.74
CA PHE A 138 31.09 -1.80 -7.64
C PHE A 138 31.07 -3.32 -7.52
N SER A 139 30.97 -4.01 -8.66
CA SER A 139 31.00 -5.46 -8.64
C SER A 139 32.35 -5.98 -8.16
N HIS A 140 33.43 -5.32 -8.57
CA HIS A 140 34.76 -5.76 -8.14
C HIS A 140 34.93 -5.61 -6.63
N SER A 141 34.47 -4.49 -6.07
CA SER A 141 34.55 -4.29 -4.63
C SER A 141 33.67 -5.29 -3.89
N LEU A 142 32.51 -5.63 -4.46
CA LEU A 142 31.63 -6.60 -3.82
C LEU A 142 32.16 -8.02 -3.95
N SER A 143 32.85 -8.31 -5.05
CA SER A 143 33.40 -9.66 -5.22
C SER A 143 34.41 -9.99 -4.15
N ALA A 144 35.14 -8.99 -3.65
CA ALA A 144 36.13 -9.22 -2.61
C ALA A 144 35.52 -9.73 -1.31
N LEU A 145 34.20 -9.63 -1.16
CA LEU A 145 33.53 -10.21 0.01
C LEU A 145 33.33 -11.70 -0.12
N HIS A 146 33.38 -12.24 -1.34
CA HIS A 146 33.16 -13.67 -1.59
C HIS A 146 31.84 -14.12 -0.98
N PHE A 147 30.78 -13.44 -1.39
CA PHE A 147 29.44 -13.77 -0.90
C PHE A 147 29.08 -15.22 -1.23
N SER A 148 28.57 -15.93 -0.24
CA SER A 148 27.88 -17.17 -0.53
C SER A 148 26.49 -16.85 -1.08
N GLU A 149 25.84 -17.87 -1.65
CA GLU A 149 24.47 -17.66 -2.11
C GLU A 149 23.53 -17.41 -0.95
N ASP A 150 23.77 -18.06 0.20
CA ASP A 150 22.95 -17.78 1.38
C ASP A 150 23.17 -16.36 1.88
N GLU A 151 24.41 -15.85 1.79
CA GLU A 151 24.68 -14.49 2.23
C GLU A 151 24.04 -13.47 1.30
N ILE A 152 24.00 -13.75 0.00
CA ILE A 152 23.32 -12.85 -0.93
C ILE A 152 21.82 -12.89 -0.70
N ALA A 153 21.28 -14.05 -0.32
CA ALA A 153 19.84 -14.14 -0.04
C ALA A 153 19.46 -13.23 1.13
N LEU A 154 20.20 -13.32 2.23
CA LEU A 154 19.88 -12.51 3.41
C LEU A 154 20.22 -11.04 3.18
N TYR A 155 21.37 -10.77 2.57
CA TYR A 155 21.78 -9.37 2.36
C TYR A 155 20.83 -8.64 1.43
N THR A 156 20.44 -9.30 0.32
CA THR A 156 19.52 -8.65 -0.62
C THR A 156 18.15 -8.42 0.02
N ALA A 157 17.67 -9.37 0.82
CA ALA A 157 16.42 -9.18 1.53
C ALA A 157 16.49 -7.97 2.46
N LEU A 158 17.65 -7.74 3.08
CA LEU A 158 17.82 -6.55 3.90
C LEU A 158 17.83 -5.28 3.06
N VAL A 159 18.45 -5.34 1.87
CA VAL A 159 18.45 -4.19 0.98
C VAL A 159 17.03 -3.81 0.60
N LEU A 160 16.18 -4.81 0.38
CA LEU A 160 14.80 -4.56 -0.01
C LEU A 160 14.00 -4.00 1.18
N ILE A 161 13.89 -4.79 2.25
CA ILE A 161 13.12 -4.39 3.43
C ILE A 161 13.91 -3.34 4.21
N ASN A 162 13.66 -2.07 3.91
CA ASN A 162 14.33 -0.95 4.58
C ASN A 162 13.27 0.00 5.10
N ALA A 163 13.18 0.14 6.42
CA ALA A 163 12.17 0.98 7.04
C ALA A 163 12.41 2.47 6.80
N HIS A 164 13.60 2.85 6.35
CA HIS A 164 13.92 4.26 6.19
C HIS A 164 13.42 4.84 4.86
N ARG A 165 13.02 4.00 3.92
CA ARG A 165 12.60 4.49 2.62
C ARG A 165 11.52 5.56 2.79
N PRO A 166 11.53 6.62 1.99
CA PRO A 166 10.50 7.65 2.10
C PRO A 166 9.22 7.23 1.39
N GLY A 167 8.10 7.61 1.98
CA GLY A 167 6.80 7.22 1.48
C GLY A 167 6.18 6.04 2.20
N LEU A 168 6.92 5.37 3.07
CA LEU A 168 6.37 4.25 3.82
C LEU A 168 5.35 4.76 4.83
N GLN A 169 4.12 4.25 4.74
CA GLN A 169 3.07 4.68 5.66
C GLN A 169 3.10 3.88 6.95
N GLU A 170 3.19 2.56 6.85
CA GLU A 170 3.21 1.69 8.03
C GLU A 170 4.64 1.26 8.32
N LYS A 171 5.42 2.21 8.85
CA LYS A 171 6.84 1.96 9.09
C LYS A 171 7.05 0.85 10.11
N ARG A 172 6.28 0.85 11.20
CA ARG A 172 6.56 -0.08 12.30
C ARG A 172 6.38 -1.53 11.86
N LYS A 173 5.50 -1.81 10.89
CA LYS A 173 5.36 -3.16 10.41
C LYS A 173 6.46 -3.53 9.42
N VAL A 174 7.14 -2.55 8.84
CA VAL A 174 8.37 -2.81 8.11
C VAL A 174 9.54 -2.95 9.07
N GLU A 175 9.55 -2.16 10.14
CA GLU A 175 10.59 -2.29 11.16
C GLU A 175 10.64 -3.70 11.71
N GLN A 176 9.48 -4.26 12.05
CA GLN A 176 9.43 -5.62 12.57
C GLN A 176 10.00 -6.62 11.57
N LEU A 177 9.50 -6.59 10.34
CA LEU A 177 10.01 -7.52 9.32
C LEU A 177 11.49 -7.28 9.03
N GLN A 178 11.98 -6.06 9.28
CA GLN A 178 13.39 -5.76 9.05
C GLN A 178 14.26 -6.29 10.17
N TYR A 179 13.89 -6.03 11.42
CA TYR A 179 14.69 -6.50 12.56
C TYR A 179 14.86 -8.01 12.51
N ASN A 180 13.78 -8.74 12.19
CA ASN A 180 13.90 -10.19 12.09
C ASN A 180 14.92 -10.59 11.04
N LEU A 181 14.98 -9.84 9.93
CA LEU A 181 15.92 -10.17 8.86
C LEU A 181 17.35 -9.82 9.26
N GLU A 182 17.55 -8.67 9.91
CA GLU A 182 18.89 -8.33 10.38
C GLU A 182 19.38 -9.36 11.39
N LEU A 183 18.51 -9.79 12.31
CA LEU A 183 18.91 -10.80 13.28
C LEU A 183 19.17 -12.15 12.60
N ALA A 184 18.34 -12.52 11.63
CA ALA A 184 18.61 -13.71 10.84
C ALA A 184 19.96 -13.59 10.14
N PHE A 185 20.24 -12.42 9.56
CA PHE A 185 21.54 -12.18 8.94
C PHE A 185 22.67 -12.45 9.93
N HIS A 186 22.53 -11.95 11.16
CA HIS A 186 23.59 -12.13 12.16
C HIS A 186 23.71 -13.59 12.59
N HIS A 187 22.57 -14.25 12.81
CA HIS A 187 22.61 -15.65 13.23
C HIS A 187 23.39 -16.50 12.23
N HIS A 188 23.04 -16.38 10.94
CA HIS A 188 23.69 -17.20 9.93
C HIS A 188 25.17 -16.86 9.80
N LEU A 189 25.51 -15.57 9.88
CA LEU A 189 26.90 -15.17 9.79
C LEU A 189 27.72 -15.71 10.97
N HIS A 190 27.14 -15.66 12.16
CA HIS A 190 27.87 -16.12 13.35
C HIS A 190 28.06 -17.62 13.33
N LYS A 191 27.02 -18.38 12.95
CA LYS A 191 27.13 -19.83 12.89
C LYS A 191 28.06 -20.31 11.78
N THR A 192 28.50 -19.43 10.89
CA THR A 192 29.43 -19.77 9.82
C THR A 192 30.74 -18.98 9.94
N HIS A 193 30.99 -18.35 11.08
CA HIS A 193 32.22 -17.61 11.33
C HIS A 193 32.47 -16.54 10.28
N ARG A 194 31.40 -15.92 9.79
CA ARG A 194 31.49 -14.92 8.74
C ARG A 194 31.02 -13.55 9.19
N GLN A 195 31.04 -13.28 10.50
CA GLN A 195 30.62 -11.98 11.00
C GLN A 195 31.60 -10.86 10.64
N SER A 196 32.80 -11.20 10.16
CA SER A 196 33.80 -10.19 9.84
C SER A 196 33.47 -9.40 8.59
N ILE A 197 32.50 -9.84 7.78
CA ILE A 197 32.15 -9.14 6.56
C ILE A 197 31.18 -7.99 6.79
N LEU A 198 30.58 -7.90 7.98
CA LEU A 198 29.64 -6.81 8.24
C LEU A 198 30.32 -5.45 8.15
N ALA A 199 31.49 -5.32 8.78
CA ALA A 199 32.24 -4.07 8.71
C ALA A 199 32.77 -3.79 7.32
N LYS A 200 32.57 -4.69 6.35
CA LYS A 200 33.08 -4.51 5.00
C LYS A 200 31.98 -4.24 3.98
N LEU A 201 30.71 -4.37 4.35
CA LEU A 201 29.63 -4.17 3.42
C LEU A 201 29.60 -2.72 2.94
N PRO A 202 29.03 -2.48 1.75
CA PRO A 202 28.96 -1.11 1.24
C PRO A 202 27.89 -0.32 1.97
N PRO A 203 28.07 0.99 2.13
CA PRO A 203 27.08 1.80 2.83
C PRO A 203 25.74 1.78 2.11
N LYS A 204 24.68 2.07 2.88
CA LYS A 204 23.35 2.10 2.31
C LYS A 204 23.27 3.05 1.12
N GLY A 205 24.00 4.16 1.16
CA GLY A 205 23.90 5.15 0.11
C GLY A 205 24.65 4.76 -1.15
N LYS A 206 25.80 4.13 -1.01
CA LYS A 206 26.63 3.82 -2.17
C LYS A 206 25.88 2.98 -3.19
N LEU A 207 24.87 2.22 -2.75
CA LEU A 207 24.18 1.27 -3.63
C LEU A 207 23.55 1.96 -4.82
N ARG A 208 23.45 3.29 -4.79
CA ARG A 208 22.64 4.03 -5.76
C ARG A 208 23.47 4.98 -6.61
N SER A 209 23.89 6.14 -6.08
CA SER A 209 24.34 7.22 -6.96
C SER A 209 25.62 6.84 -7.72
N LEU A 210 26.60 6.29 -7.03
CA LEU A 210 27.86 5.86 -7.65
C LEU A 210 28.42 6.92 -8.59
N LEU B 2 1.22 14.14 -61.04
CA LEU B 2 1.67 15.11 -60.05
C LEU B 2 0.71 15.15 -58.87
N THR B 3 -0.59 15.09 -59.17
CA THR B 3 -1.59 14.98 -58.10
C THR B 3 -1.41 13.70 -57.30
N GLU B 4 -0.75 12.68 -57.88
CA GLU B 4 -0.38 11.51 -57.11
C GLU B 4 0.70 11.85 -56.09
N ILE B 5 1.84 12.36 -56.55
CA ILE B 5 2.92 12.72 -55.65
C ILE B 5 2.46 13.77 -54.65
N GLU B 6 1.73 14.79 -55.12
CA GLU B 6 1.35 15.88 -54.22
C GLU B 6 0.34 15.43 -53.18
N HIS B 7 -0.44 14.38 -53.48
CA HIS B 7 -1.31 13.79 -52.47
C HIS B 7 -0.51 12.95 -51.48
N LEU B 8 0.56 12.29 -51.93
CA LEU B 8 1.43 11.57 -51.01
C LEU B 8 2.11 12.54 -50.05
N VAL B 9 2.62 13.66 -50.56
CA VAL B 9 3.19 14.68 -49.69
C VAL B 9 2.17 15.17 -48.68
N GLN B 10 0.91 15.30 -49.11
CA GLN B 10 -0.14 15.80 -48.21
C GLN B 10 -0.45 14.80 -47.11
N SER B 11 -0.63 13.53 -47.47
CA SER B 11 -0.99 12.54 -46.46
C SER B 11 0.18 12.23 -45.53
N VAL B 12 1.41 12.38 -46.01
CA VAL B 12 2.57 12.21 -45.15
C VAL B 12 2.63 13.34 -44.12
N CYS B 13 2.50 14.58 -44.59
CA CYS B 13 2.50 15.72 -43.68
C CYS B 13 1.32 15.64 -42.72
N LYS B 14 0.12 15.36 -43.24
CA LYS B 14 -1.04 15.25 -42.37
C LYS B 14 -0.84 14.15 -41.33
N SER B 15 -0.28 13.01 -41.75
CA SER B 15 0.02 11.95 -40.79
C SER B 15 1.00 12.42 -39.74
N TYR B 16 2.00 13.20 -40.15
CA TYR B 16 2.96 13.74 -39.18
C TYR B 16 2.28 14.71 -38.22
N ARG B 17 1.45 15.62 -38.76
CA ARG B 17 0.73 16.56 -37.92
C ARG B 17 -0.02 15.83 -36.80
N GLU B 18 -0.73 14.76 -37.16
CA GLU B 18 -1.56 14.05 -36.19
C GLU B 18 -0.75 13.20 -35.22
N THR B 19 0.57 13.10 -35.39
CA THR B 19 1.38 12.22 -34.55
C THR B 19 2.66 12.89 -34.08
N CYS B 20 2.76 14.21 -34.20
CA CYS B 20 3.98 14.89 -33.80
C CYS B 20 4.19 14.89 -32.29
N GLN B 21 3.22 14.39 -31.51
CA GLN B 21 3.34 14.35 -30.05
C GLN B 21 3.32 15.76 -29.46
N LEU B 22 4.40 16.52 -29.66
CA LEU B 22 4.51 17.89 -29.20
C LEU B 22 4.49 18.82 -30.41
N ARG B 23 3.55 19.76 -30.40
CA ARG B 23 3.44 20.72 -31.50
C ARG B 23 4.61 21.69 -31.47
N LEU B 24 5.08 22.08 -32.65
CA LEU B 24 6.24 22.96 -32.74
C LEU B 24 5.99 24.28 -32.03
N GLU B 25 4.85 24.92 -32.30
CA GLU B 25 4.57 26.22 -31.72
C GLU B 25 4.58 26.17 -30.20
N ASP B 26 4.15 25.05 -29.61
CA ASP B 26 4.18 24.94 -28.16
C ASP B 26 5.60 24.90 -27.62
N LEU B 27 6.50 24.21 -28.34
CA LEU B 27 7.90 24.15 -27.90
C LEU B 27 8.56 25.52 -28.00
N LEU B 28 8.23 26.29 -29.03
CA LEU B 28 8.84 27.61 -29.19
C LEU B 28 8.29 28.60 -28.17
N ARG B 29 7.01 28.50 -27.83
CA ARG B 29 6.43 29.40 -26.85
C ARG B 29 7.02 29.18 -25.46
N GLN B 30 7.57 28.00 -25.19
CA GLN B 30 8.14 27.67 -23.89
C GLN B 30 9.64 27.93 -23.82
N ARG B 31 10.25 28.46 -24.87
CA ARG B 31 11.71 28.58 -24.89
C ARG B 31 12.23 29.40 -23.74
N SER B 32 11.53 30.48 -23.39
CA SER B 32 11.98 31.33 -22.28
C SER B 32 11.82 30.66 -20.93
N ASN B 33 11.22 29.47 -20.87
CA ASN B 33 10.99 28.76 -19.62
C ASN B 33 12.18 27.83 -19.39
N ILE B 34 13.23 28.36 -18.76
CA ILE B 34 14.46 27.63 -18.51
C ILE B 34 14.43 27.04 -17.11
N PHE B 35 14.96 25.83 -16.96
CA PHE B 35 15.09 25.23 -15.65
C PHE B 35 15.98 26.10 -14.75
N SER B 36 15.53 26.31 -13.53
CA SER B 36 16.34 27.03 -12.56
C SER B 36 17.48 26.15 -12.06
N ARG B 37 18.38 26.76 -11.28
CA ARG B 37 19.49 25.99 -10.73
C ARG B 37 19.00 25.01 -9.67
N GLU B 38 18.01 25.41 -8.87
CA GLU B 38 17.43 24.49 -7.91
C GLU B 38 16.88 23.24 -8.60
N GLU B 39 16.21 23.43 -9.75
CA GLU B 39 15.64 22.31 -10.48
C GLU B 39 16.70 21.45 -11.13
N VAL B 40 17.79 22.05 -11.60
CA VAL B 40 18.89 21.26 -12.16
C VAL B 40 19.51 20.38 -11.09
N THR B 41 19.78 20.96 -9.92
CA THR B 41 20.34 20.17 -8.82
C THR B 41 19.44 19.01 -8.46
N GLY B 42 18.12 19.22 -8.50
CA GLY B 42 17.20 18.13 -8.24
C GLY B 42 17.39 16.96 -9.20
N TYR B 43 17.56 17.27 -10.49
CA TYR B 43 17.84 16.22 -11.46
C TYR B 43 19.21 15.59 -11.21
N GLN B 44 20.20 16.41 -10.83
CA GLN B 44 21.54 15.88 -10.61
C GLN B 44 21.62 15.03 -9.35
N ARG B 45 20.75 15.29 -8.36
CA ARG B 45 20.75 14.51 -7.13
C ARG B 45 20.05 13.17 -7.27
N LYS B 46 19.30 12.95 -8.34
CA LYS B 46 18.63 11.67 -8.52
C LYS B 46 19.66 10.55 -8.70
N SER B 47 19.19 9.32 -8.53
CA SER B 47 20.06 8.18 -8.68
C SER B 47 20.22 7.82 -10.15
N MET B 48 21.24 7.00 -10.43
CA MET B 48 21.45 6.55 -11.80
C MET B 48 20.24 5.79 -12.32
N TRP B 49 19.61 4.99 -11.46
CA TRP B 49 18.45 4.23 -11.90
C TRP B 49 17.24 5.14 -12.10
N GLU B 50 17.11 6.19 -11.29
CA GLU B 50 15.97 7.09 -11.44
C GLU B 50 16.04 7.86 -12.76
N MET B 51 17.23 8.32 -13.15
CA MET B 51 17.37 9.05 -14.40
C MET B 51 17.30 8.11 -15.60
N TRP B 52 17.94 6.95 -15.51
CA TRP B 52 17.83 5.96 -16.57
C TRP B 52 16.37 5.58 -16.83
N GLU B 53 15.57 5.45 -15.77
CA GLU B 53 14.20 4.98 -15.94
C GLU B 53 13.31 6.08 -16.50
N ARG B 54 13.54 7.32 -16.07
CA ARG B 54 12.81 8.45 -16.65
C ARG B 54 13.05 8.54 -18.16
N CYS B 55 14.32 8.51 -18.59
CA CYS B 55 14.59 8.66 -20.01
C CYS B 55 14.07 7.46 -20.81
N ALA B 56 14.21 6.25 -20.26
CA ALA B 56 13.64 5.08 -20.93
C ALA B 56 12.14 5.25 -21.14
N HIS B 57 11.43 5.75 -20.13
CA HIS B 57 9.99 5.99 -20.26
C HIS B 57 9.70 6.97 -21.39
N HIS B 58 10.37 8.12 -21.38
CA HIS B 58 10.12 9.14 -22.40
C HIS B 58 10.40 8.60 -23.79
N LEU B 59 11.52 7.89 -23.97
CA LEU B 59 11.83 7.35 -25.29
C LEU B 59 10.81 6.31 -25.72
N THR B 60 10.46 5.40 -24.81
CA THR B 60 9.46 4.38 -25.14
C THR B 60 8.14 5.03 -25.53
N GLU B 61 7.76 6.10 -24.85
CA GLU B 61 6.52 6.78 -25.19
C GLU B 61 6.63 7.49 -26.53
N ALA B 62 7.82 8.03 -26.84
CA ALA B 62 8.02 8.68 -28.13
C ALA B 62 7.95 7.67 -29.27
N ILE B 63 8.46 6.46 -29.04
CA ILE B 63 8.42 5.43 -30.08
C ILE B 63 6.97 5.13 -30.47
N GLN B 64 6.08 5.08 -29.48
CA GLN B 64 4.67 4.80 -29.77
C GLN B 64 4.12 5.79 -30.79
N TYR B 65 4.41 7.07 -30.60
CA TYR B 65 3.98 8.06 -31.58
C TYR B 65 4.57 7.78 -32.94
N VAL B 66 5.82 7.33 -33.00
CA VAL B 66 6.43 6.99 -34.28
C VAL B 66 5.76 5.75 -34.87
N VAL B 67 5.32 4.83 -34.03
CA VAL B 67 4.56 3.68 -34.53
C VAL B 67 3.30 4.16 -35.24
N GLU B 68 2.59 5.11 -34.64
CA GLU B 68 1.40 5.66 -35.28
C GLU B 68 1.74 6.37 -36.58
N PHE B 69 2.86 7.10 -36.60
CA PHE B 69 3.30 7.72 -37.85
C PHE B 69 3.46 6.68 -38.95
N ALA B 70 4.05 5.53 -38.62
CA ALA B 70 4.20 4.47 -39.60
C ALA B 70 2.85 3.91 -40.01
N LYS B 71 1.94 3.73 -39.05
CA LYS B 71 0.64 3.13 -39.36
C LYS B 71 -0.12 3.93 -40.41
N ARG B 72 0.08 5.25 -40.45
CA ARG B 72 -0.70 6.12 -41.31
C ARG B 72 0.04 6.50 -42.59
N LEU B 73 1.27 6.02 -42.78
CA LEU B 73 1.93 6.14 -44.07
C LEU B 73 1.24 5.25 -45.08
N SER B 74 0.71 5.85 -46.15
CA SER B 74 -0.01 5.09 -47.16
C SER B 74 0.89 3.99 -47.73
N GLY B 75 0.49 2.74 -47.53
CA GLY B 75 1.22 1.58 -48.01
C GLY B 75 1.91 0.79 -46.92
N PHE B 76 2.25 1.44 -45.81
CA PHE B 76 2.96 0.75 -44.73
C PHE B 76 2.12 -0.38 -44.16
N MET B 77 0.84 -0.12 -43.89
CA MET B 77 -0.03 -1.17 -43.38
C MET B 77 -0.17 -2.33 -44.36
N GLU B 78 -0.02 -2.06 -45.66
CA GLU B 78 -0.15 -3.12 -46.65
C GLU B 78 1.04 -4.07 -46.63
N LEU B 79 2.22 -3.59 -46.20
CA LEU B 79 3.38 -4.45 -46.10
C LEU B 79 3.12 -5.58 -45.12
N CYS B 80 3.88 -6.67 -45.28
CA CYS B 80 3.69 -7.82 -44.42
C CYS B 80 4.05 -7.49 -42.97
N GLN B 81 3.52 -8.29 -42.05
CA GLN B 81 3.70 -8.02 -40.62
C GLN B 81 5.18 -7.98 -40.26
N ASN B 82 5.93 -8.99 -40.70
CA ASN B 82 7.35 -9.04 -40.36
C ASN B 82 8.08 -7.81 -40.85
N ASP B 83 7.86 -7.42 -42.10
CA ASP B 83 8.50 -6.22 -42.62
C ASP B 83 8.12 -4.98 -41.81
N GLN B 84 6.89 -4.94 -41.28
CA GLN B 84 6.51 -3.81 -40.45
C GLN B 84 7.31 -3.78 -39.16
N ILE B 85 7.55 -4.95 -38.56
CA ILE B 85 8.30 -5.01 -37.30
C ILE B 85 9.76 -4.61 -37.54
N VAL B 86 10.36 -5.14 -38.60
CA VAL B 86 11.77 -4.87 -38.86
C VAL B 86 11.98 -3.38 -39.12
N LEU B 87 11.19 -2.81 -40.04
CA LEU B 87 11.33 -1.38 -40.33
C LEU B 87 11.18 -0.55 -39.07
N LEU B 88 10.19 -0.86 -38.24
CA LEU B 88 9.99 -0.09 -37.01
C LEU B 88 11.14 -0.29 -36.03
N LYS B 89 11.52 -1.54 -35.77
CA LYS B 89 12.60 -1.78 -34.83
C LYS B 89 13.91 -1.18 -35.32
N ALA B 90 14.05 -1.02 -36.64
CA ALA B 90 15.31 -0.52 -37.17
C ALA B 90 15.38 1.00 -37.20
N GLY B 91 14.24 1.66 -37.41
CA GLY B 91 14.26 3.10 -37.62
C GLY B 91 13.39 3.93 -36.70
N ALA B 92 12.63 3.27 -35.83
CA ALA B 92 11.73 4.01 -34.94
C ALA B 92 12.51 5.01 -34.08
N MET B 93 13.59 4.55 -33.44
CA MET B 93 14.38 5.45 -32.60
C MET B 93 15.16 6.46 -33.42
N GLU B 94 15.56 6.10 -34.64
CA GLU B 94 16.18 7.08 -35.53
C GLU B 94 15.25 8.25 -35.79
N VAL B 95 13.95 7.97 -35.92
CA VAL B 95 12.97 9.04 -36.13
C VAL B 95 12.76 9.85 -34.86
N VAL B 96 12.82 9.19 -33.71
CA VAL B 96 12.63 9.91 -32.45
C VAL B 96 13.77 10.90 -32.23
N LEU B 97 15.00 10.50 -32.52
CA LEU B 97 16.13 11.41 -32.35
C LEU B 97 16.05 12.57 -33.33
N VAL B 98 15.62 12.31 -34.56
CA VAL B 98 15.39 13.39 -35.51
C VAL B 98 14.32 14.35 -34.98
N ARG B 99 13.21 13.78 -34.50
CA ARG B 99 12.16 14.61 -33.91
C ARG B 99 12.67 15.43 -32.75
N MET B 100 13.70 14.95 -32.05
CA MET B 100 14.18 15.61 -30.86
C MET B 100 14.74 17.00 -31.17
N CYS B 101 15.23 17.22 -32.39
CA CYS B 101 15.77 18.53 -32.74
C CYS B 101 14.72 19.62 -32.63
N ARG B 102 13.43 19.26 -32.80
CA ARG B 102 12.37 20.24 -32.62
C ARG B 102 12.37 20.81 -31.21
N ALA B 103 12.82 20.03 -30.23
CA ALA B 103 12.86 20.46 -28.84
C ALA B 103 14.18 21.13 -28.47
N TYR B 104 15.07 21.35 -29.44
CA TYR B 104 16.39 21.90 -29.19
C TYR B 104 16.45 23.35 -29.64
N ASN B 105 17.01 24.21 -28.79
CA ASN B 105 17.18 25.63 -29.07
C ASN B 105 18.68 25.90 -29.26
N ALA B 106 19.06 26.20 -30.49
CA ALA B 106 20.48 26.42 -30.79
C ALA B 106 20.97 27.77 -30.31
N ASP B 107 20.07 28.72 -30.06
CA ASP B 107 20.50 30.04 -29.60
C ASP B 107 21.19 29.96 -28.25
N ASN B 108 20.70 29.10 -27.35
CA ASN B 108 21.32 28.90 -26.05
C ASN B 108 21.73 27.47 -25.79
N ARG B 109 21.56 26.57 -26.76
CA ARG B 109 22.01 25.18 -26.63
C ARG B 109 21.27 24.47 -25.49
N THR B 110 19.95 24.59 -25.47
CA THR B 110 19.11 23.92 -24.49
C THR B 110 18.10 23.03 -25.20
N VAL B 111 17.51 22.12 -24.43
CA VAL B 111 16.53 21.16 -24.95
C VAL B 111 15.34 21.13 -24.03
N PHE B 112 14.14 21.02 -24.60
CA PHE B 112 12.93 20.89 -23.80
C PHE B 112 12.84 19.50 -23.20
N PHE B 113 12.55 19.43 -21.91
CA PHE B 113 12.51 18.15 -21.21
C PHE B 113 11.66 18.30 -19.95
N GLU B 114 10.52 17.62 -19.91
CA GLU B 114 9.66 17.56 -18.73
C GLU B 114 9.24 18.97 -18.27
N GLY B 115 8.86 19.81 -19.23
CA GLY B 115 8.22 21.07 -18.95
C GLY B 115 9.06 22.30 -19.20
N LYS B 116 10.38 22.20 -19.17
CA LYS B 116 11.24 23.37 -19.29
C LYS B 116 12.46 23.03 -20.13
N TYR B 117 13.29 24.04 -20.38
CA TYR B 117 14.50 23.92 -21.18
C TYR B 117 15.72 23.82 -20.27
N GLY B 118 16.59 22.87 -20.58
CA GLY B 118 17.81 22.69 -19.81
C GLY B 118 18.94 22.19 -20.69
N GLY B 119 20.16 22.37 -20.19
CA GLY B 119 21.34 21.93 -20.90
C GLY B 119 21.69 20.48 -20.61
N MET B 120 22.88 20.08 -21.05
CA MET B 120 23.30 18.70 -20.85
C MET B 120 23.43 18.37 -19.38
N GLU B 121 23.85 19.34 -18.55
CA GLU B 121 24.03 19.07 -17.12
C GLU B 121 22.75 18.56 -16.47
N LEU B 122 21.61 18.73 -17.13
CA LEU B 122 20.36 18.20 -16.61
C LEU B 122 20.38 16.68 -16.50
N PHE B 123 21.24 16.01 -17.28
CA PHE B 123 21.24 14.56 -17.37
C PHE B 123 22.46 13.94 -16.71
N ARG B 124 23.12 14.66 -15.80
CA ARG B 124 24.38 14.17 -15.25
C ARG B 124 24.19 12.85 -14.51
N ALA B 125 23.08 12.69 -13.79
CA ALA B 125 22.86 11.49 -13.01
C ALA B 125 22.92 10.22 -13.86
N LEU B 126 22.76 10.34 -15.18
CA LEU B 126 22.81 9.16 -16.04
C LEU B 126 24.18 8.50 -16.00
N GLY B 127 25.24 9.31 -16.03
CA GLY B 127 26.56 8.78 -16.29
C GLY B 127 26.81 8.48 -17.75
N CYS B 128 26.13 9.19 -18.64
CA CYS B 128 26.26 9.00 -20.08
C CYS B 128 26.55 10.35 -20.75
N SER B 129 27.64 10.99 -20.32
CA SER B 129 27.95 12.33 -20.80
C SER B 129 28.31 12.33 -22.28
N GLU B 130 29.01 11.29 -22.75
CA GLU B 130 29.36 11.24 -24.17
C GLU B 130 28.12 10.96 -25.03
N LEU B 131 27.26 10.04 -24.59
CA LEU B 131 26.01 9.80 -25.30
C LEU B 131 25.18 11.07 -25.41
N ILE B 132 24.91 11.71 -24.26
CA ILE B 132 24.11 12.93 -24.25
C ILE B 132 24.78 14.00 -25.11
N SER B 133 26.09 14.15 -24.96
CA SER B 133 26.82 15.11 -25.80
C SER B 133 26.56 14.86 -27.28
N SER B 134 26.52 13.59 -27.68
CA SER B 134 26.25 13.26 -29.07
C SER B 134 24.83 13.63 -29.47
N ILE B 135 23.87 13.48 -28.54
CA ILE B 135 22.50 13.84 -28.83
C ILE B 135 22.37 15.35 -29.01
N PHE B 136 22.97 16.12 -28.11
CA PHE B 136 23.00 17.57 -28.27
C PHE B 136 23.71 17.96 -29.56
N ASP B 137 24.88 17.36 -29.81
CA ASP B 137 25.64 17.71 -31.00
C ASP B 137 24.88 17.35 -32.28
N PHE B 138 24.23 16.19 -32.30
CA PHE B 138 23.45 15.80 -33.46
C PHE B 138 22.27 16.75 -33.68
N SER B 139 21.59 17.12 -32.59
CA SER B 139 20.48 18.06 -32.71
C SER B 139 20.97 19.43 -33.16
N HIS B 140 22.14 19.85 -32.69
CA HIS B 140 22.68 21.14 -33.09
C HIS B 140 23.00 21.16 -34.59
N SER B 141 23.63 20.10 -35.08
CA SER B 141 23.93 20.02 -36.52
C SER B 141 22.65 19.96 -37.34
N LEU B 142 21.61 19.29 -36.81
CA LEU B 142 20.34 19.22 -37.53
C LEU B 142 19.60 20.54 -37.49
N SER B 143 19.71 21.28 -36.38
CA SER B 143 19.03 22.58 -36.30
C SER B 143 19.54 23.55 -37.36
N ALA B 144 20.80 23.41 -37.77
CA ALA B 144 21.36 24.27 -38.79
C ALA B 144 20.71 24.07 -40.16
N LEU B 145 19.89 23.03 -40.32
CA LEU B 145 19.12 22.85 -41.55
C LEU B 145 17.82 23.65 -41.54
N HIS B 146 17.37 24.10 -40.38
CA HIS B 146 16.11 24.83 -40.25
C HIS B 146 14.97 24.07 -40.91
N PHE B 147 14.78 22.84 -40.46
CA PHE B 147 13.71 22.00 -40.99
C PHE B 147 12.35 22.64 -40.77
N SER B 148 11.54 22.66 -41.82
CA SER B 148 10.13 22.91 -41.63
C SER B 148 9.45 21.63 -41.13
N GLU B 149 8.22 21.79 -40.62
CA GLU B 149 7.49 20.60 -40.18
C GLU B 149 7.18 19.69 -41.36
N ASP B 150 6.91 20.26 -42.53
CA ASP B 150 6.68 19.44 -43.72
C ASP B 150 7.96 18.71 -44.12
N GLU B 151 9.12 19.33 -43.93
CA GLU B 151 10.38 18.68 -44.26
C GLU B 151 10.71 17.57 -43.28
N ILE B 152 10.35 17.74 -42.00
CA ILE B 152 10.55 16.68 -41.03
C ILE B 152 9.61 15.52 -41.30
N ALA B 153 8.39 15.83 -41.76
CA ALA B 153 7.44 14.78 -42.08
C ALA B 153 7.97 13.86 -43.18
N LEU B 154 8.43 14.45 -44.28
CA LEU B 154 8.93 13.64 -45.38
C LEU B 154 10.27 12.99 -45.05
N TYR B 155 11.17 13.74 -44.39
CA TYR B 155 12.48 13.18 -44.08
C TYR B 155 12.37 12.00 -43.12
N THR B 156 11.54 12.13 -42.09
CA THR B 156 11.38 11.02 -41.15
C THR B 156 10.74 9.82 -41.81
N ALA B 157 9.77 10.06 -42.70
CA ALA B 157 9.16 8.94 -43.42
C ALA B 157 10.20 8.18 -44.25
N LEU B 158 11.18 8.91 -44.81
CA LEU B 158 12.24 8.23 -45.55
C LEU B 158 13.18 7.46 -44.62
N VAL B 159 13.43 8.00 -43.42
CA VAL B 159 14.26 7.29 -42.45
C VAL B 159 13.61 5.96 -42.08
N LEU B 160 12.28 5.95 -41.98
CA LEU B 160 11.56 4.74 -41.60
C LEU B 160 11.55 3.74 -42.76
N ILE B 161 10.98 4.14 -43.90
CA ILE B 161 10.87 3.27 -45.05
C ILE B 161 12.22 3.17 -45.75
N ASN B 162 13.01 2.18 -45.37
CA ASN B 162 14.32 1.95 -45.95
C ASN B 162 14.38 0.51 -46.47
N ALA B 163 14.53 0.36 -47.79
CA ALA B 163 14.54 -0.96 -48.40
C ALA B 163 15.79 -1.77 -48.06
N HIS B 164 16.83 -1.13 -47.50
CA HIS B 164 18.10 -1.80 -47.23
C HIS B 164 18.15 -2.46 -45.86
N ARG B 165 17.18 -2.22 -45.00
CA ARG B 165 17.20 -2.82 -43.68
C ARG B 165 17.35 -4.34 -43.80
N PRO B 166 18.10 -4.98 -42.91
CA PRO B 166 18.23 -6.43 -42.99
C PRO B 166 17.04 -7.13 -42.37
N GLY B 167 16.64 -8.26 -42.97
CA GLY B 167 15.48 -8.99 -42.56
C GLY B 167 14.23 -8.72 -43.38
N LEU B 168 14.27 -7.74 -44.27
CA LEU B 168 13.12 -7.45 -45.12
C LEU B 168 12.94 -8.58 -46.13
N GLN B 169 11.75 -9.19 -46.12
CA GLN B 169 11.48 -10.29 -47.04
C GLN B 169 10.98 -9.79 -48.39
N GLU B 170 10.02 -8.87 -48.37
CA GLU B 170 9.45 -8.33 -49.60
C GLU B 170 10.06 -6.96 -49.89
N LYS B 171 11.33 -7.00 -50.30
CA LYS B 171 12.08 -5.76 -50.51
C LYS B 171 11.45 -4.89 -51.59
N ARG B 172 11.02 -5.51 -52.71
CA ARG B 172 10.58 -4.72 -53.85
C ARG B 172 9.32 -3.90 -53.53
N LYS B 173 8.47 -4.40 -52.63
CA LYS B 173 7.31 -3.62 -52.24
C LYS B 173 7.66 -2.52 -51.25
N VAL B 174 8.80 -2.64 -50.57
CA VAL B 174 9.33 -1.52 -49.80
C VAL B 174 10.06 -0.55 -50.70
N GLU B 175 10.75 -1.07 -51.72
CA GLU B 175 11.41 -0.20 -52.69
C GLU B 175 10.41 0.74 -53.34
N GLN B 176 9.27 0.22 -53.78
CA GLN B 176 8.24 1.05 -54.38
C GLN B 176 7.78 2.15 -53.42
N LEU B 177 7.38 1.76 -52.20
CA LEU B 177 6.94 2.74 -51.24
C LEU B 177 8.03 3.73 -50.89
N GLN B 178 9.30 3.34 -51.06
CA GLN B 178 10.41 4.23 -50.75
C GLN B 178 10.65 5.24 -51.88
N TYR B 179 10.72 4.75 -53.12
CA TYR B 179 10.95 5.66 -54.25
C TYR B 179 9.89 6.74 -54.31
N ASN B 180 8.62 6.38 -54.09
CA ASN B 180 7.55 7.37 -54.09
C ASN B 180 7.80 8.44 -53.02
N LEU B 181 8.35 8.04 -51.87
CA LEU B 181 8.64 8.98 -50.80
C LEU B 181 9.85 9.85 -51.12
N GLU B 182 10.91 9.26 -51.68
CA GLU B 182 12.05 10.07 -52.08
C GLU B 182 11.67 11.08 -53.14
N LEU B 183 10.85 10.67 -54.11
CA LEU B 183 10.42 11.61 -55.15
C LEU B 183 9.49 12.68 -54.58
N ALA B 184 8.58 12.29 -53.68
CA ALA B 184 7.77 13.28 -52.99
C ALA B 184 8.65 14.26 -52.22
N PHE B 185 9.70 13.74 -51.57
CA PHE B 185 10.66 14.61 -50.89
C PHE B 185 11.24 15.64 -51.86
N HIS B 186 11.65 15.19 -53.04
CA HIS B 186 12.25 16.10 -54.02
C HIS B 186 11.24 17.10 -54.55
N HIS B 187 10.03 16.65 -54.88
CA HIS B 187 9.01 17.55 -55.39
C HIS B 187 8.76 18.69 -54.42
N HIS B 188 8.56 18.37 -53.14
CA HIS B 188 8.27 19.41 -52.16
C HIS B 188 9.45 20.34 -51.97
N LEU B 189 10.67 19.81 -52.01
CA LEU B 189 11.86 20.65 -51.84
C LEU B 189 12.03 21.62 -53.00
N HIS B 190 11.83 21.16 -54.23
CA HIS B 190 12.02 22.03 -55.38
C HIS B 190 10.92 23.08 -55.48
N LYS B 191 9.67 22.71 -55.17
CA LYS B 191 8.59 23.66 -55.19
C LYS B 191 8.72 24.72 -54.10
N THR B 192 9.63 24.55 -53.14
CA THR B 192 9.87 25.53 -52.11
C THR B 192 11.31 26.05 -52.13
N HIS B 193 12.04 25.79 -53.22
CA HIS B 193 13.40 26.28 -53.39
C HIS B 193 14.32 25.82 -52.25
N ARG B 194 14.10 24.61 -51.75
CA ARG B 194 14.86 24.07 -50.63
C ARG B 194 15.65 22.83 -51.01
N GLN B 195 15.97 22.65 -52.29
CA GLN B 195 16.74 21.49 -52.71
C GLN B 195 18.18 21.54 -52.25
N SER B 196 18.66 22.69 -51.76
CA SER B 196 20.04 22.82 -51.34
C SER B 196 20.35 22.09 -50.04
N ILE B 197 19.33 21.65 -49.30
CA ILE B 197 19.56 20.94 -48.04
C ILE B 197 19.81 19.46 -48.24
N LEU B 198 19.59 18.92 -49.45
CA LEU B 198 19.83 17.50 -49.68
C LEU B 198 21.30 17.15 -49.47
N ALA B 199 22.20 17.94 -50.06
CA ALA B 199 23.63 17.70 -49.88
C ALA B 199 24.09 17.96 -48.46
N LYS B 200 23.20 18.43 -47.58
CA LYS B 200 23.57 18.74 -46.20
C LYS B 200 23.00 17.75 -45.20
N LEU B 201 22.09 16.87 -45.60
CA LEU B 201 21.49 15.93 -44.67
C LEU B 201 22.55 14.98 -44.11
N PRO B 202 22.30 14.44 -42.91
CA PRO B 202 23.26 13.51 -42.33
C PRO B 202 23.22 12.18 -43.04
N PRO B 203 24.36 11.49 -43.14
CA PRO B 203 24.37 10.19 -43.81
C PRO B 203 23.45 9.19 -43.12
N LYS B 204 23.04 8.18 -43.88
CA LYS B 204 22.17 7.15 -43.32
C LYS B 204 22.80 6.46 -42.11
N GLY B 205 24.14 6.36 -42.06
CA GLY B 205 24.78 5.66 -40.97
C GLY B 205 24.86 6.50 -39.71
N LYS B 206 25.11 7.80 -39.87
CA LYS B 206 25.33 8.65 -38.70
C LYS B 206 24.12 8.65 -37.77
N LEU B 207 22.93 8.34 -38.31
CA LEU B 207 21.73 8.36 -37.49
C LEU B 207 21.83 7.45 -36.26
N ARG B 208 22.80 6.53 -36.24
CA ARG B 208 22.79 5.49 -35.21
C ARG B 208 23.97 5.57 -34.25
N SER B 209 25.16 5.18 -34.71
CA SER B 209 26.26 4.88 -33.79
C SER B 209 26.69 6.13 -33.03
N LEU B 210 26.90 7.23 -33.73
CA LEU B 210 27.29 8.49 -33.12
C LEU B 210 28.42 8.29 -32.10
N ILE C 5 -24.86 12.81 2.61
CA ILE C 5 -25.75 11.79 2.10
C ILE C 5 -26.15 12.08 0.66
N GLU C 6 -26.52 13.34 0.38
CA GLU C 6 -26.98 13.69 -0.95
C GLU C 6 -25.86 13.56 -1.98
N HIS C 7 -24.63 13.93 -1.62
CA HIS C 7 -23.54 13.76 -2.56
C HIS C 7 -23.03 12.32 -2.60
N LEU C 8 -23.32 11.53 -1.56
CA LEU C 8 -23.17 10.09 -1.72
C LEU C 8 -24.05 9.59 -2.86
N VAL C 9 -25.28 10.10 -2.94
CA VAL C 9 -26.17 9.79 -4.06
C VAL C 9 -25.52 10.21 -5.38
N GLN C 10 -25.02 11.44 -5.44
CA GLN C 10 -24.53 11.96 -6.71
C GLN C 10 -23.24 11.26 -7.15
N SER C 11 -22.33 11.00 -6.20
CA SER C 11 -21.10 10.30 -6.55
C SER C 11 -21.38 8.89 -7.00
N VAL C 12 -22.35 8.23 -6.37
CA VAL C 12 -22.79 6.93 -6.86
C VAL C 12 -23.37 7.06 -8.27
N CYS C 13 -24.29 8.01 -8.47
CA CYS C 13 -24.86 8.22 -9.80
C CYS C 13 -23.81 8.70 -10.79
N LYS C 14 -22.91 9.58 -10.35
CA LYS C 14 -21.77 9.94 -11.18
C LYS C 14 -21.03 8.70 -11.68
N SER C 15 -20.83 7.71 -10.81
CA SER C 15 -20.12 6.50 -11.22
C SER C 15 -20.97 5.64 -12.15
N TYR C 16 -22.27 5.52 -11.87
CA TYR C 16 -23.15 4.73 -12.72
C TYR C 16 -23.16 5.25 -14.15
N ARG C 17 -23.39 6.56 -14.34
CA ARG C 17 -23.30 7.14 -15.67
C ARG C 17 -21.99 6.77 -16.36
N GLU C 18 -20.87 6.86 -15.63
CA GLU C 18 -19.57 6.65 -16.27
C GLU C 18 -19.38 5.22 -16.73
N THR C 19 -20.03 4.26 -16.07
CA THR C 19 -19.79 2.85 -16.35
C THR C 19 -21.00 2.12 -16.89
N CYS C 20 -22.04 2.84 -17.31
CA CYS C 20 -23.27 2.19 -17.76
C CYS C 20 -23.08 1.40 -19.04
N GLN C 21 -21.99 1.59 -19.76
CA GLN C 21 -21.71 0.85 -20.99
C GLN C 21 -22.59 1.36 -22.13
N LEU C 22 -23.86 0.96 -22.14
CA LEU C 22 -24.82 1.43 -23.12
C LEU C 22 -25.71 2.48 -22.48
N ARG C 23 -25.75 3.68 -23.08
CA ARG C 23 -26.56 4.75 -22.53
C ARG C 23 -28.04 4.47 -22.77
N LEU C 24 -28.86 4.91 -21.82
CA LEU C 24 -30.30 4.63 -21.89
C LEU C 24 -30.92 5.21 -23.16
N GLU C 25 -30.66 6.49 -23.42
CA GLU C 25 -31.26 7.14 -24.57
C GLU C 25 -30.96 6.39 -25.87
N ASP C 26 -29.75 5.85 -26.00
CA ASP C 26 -29.41 5.11 -27.21
C ASP C 26 -30.26 3.85 -27.34
N LEU C 27 -30.50 3.15 -26.22
CA LEU C 27 -31.31 1.95 -26.27
C LEU C 27 -32.76 2.26 -26.63
N LEU C 28 -33.28 3.39 -26.14
CA LEU C 28 -34.67 3.74 -26.44
C LEU C 28 -34.84 4.23 -27.86
N ARG C 29 -33.84 4.93 -28.40
CA ARG C 29 -33.92 5.38 -29.79
C ARG C 29 -33.92 4.23 -30.78
N GLN C 30 -33.38 3.07 -30.40
CA GLN C 30 -33.29 1.92 -31.29
C GLN C 30 -34.44 0.93 -31.12
N ARG C 31 -35.43 1.24 -30.29
CA ARG C 31 -36.46 0.26 -29.97
C ARG C 31 -37.25 -0.15 -31.22
N SER C 32 -37.46 0.79 -32.14
CA SER C 32 -38.19 0.47 -33.36
C SER C 32 -37.35 -0.38 -34.32
N ASN C 33 -36.07 -0.59 -34.03
CA ASN C 33 -35.18 -1.36 -34.90
C ASN C 33 -35.23 -2.82 -34.46
N ILE C 34 -36.25 -3.53 -34.95
CA ILE C 34 -36.46 -4.93 -34.59
C ILE C 34 -35.78 -5.82 -35.63
N PHE C 35 -35.22 -6.93 -35.16
CA PHE C 35 -34.63 -7.90 -36.07
C PHE C 35 -35.70 -8.42 -37.04
N SER C 36 -35.34 -8.50 -38.31
CA SER C 36 -36.23 -9.08 -39.31
C SER C 36 -36.27 -10.60 -39.15
N ARG C 37 -37.18 -11.22 -39.89
CA ARG C 37 -37.28 -12.68 -39.83
C ARG C 37 -36.04 -13.34 -40.43
N GLU C 38 -35.52 -12.78 -41.52
CA GLU C 38 -34.27 -13.29 -42.09
C GLU C 38 -33.16 -13.30 -41.05
N GLU C 39 -33.06 -12.21 -40.27
CA GLU C 39 -32.01 -12.12 -39.27
C GLU C 39 -32.26 -13.06 -38.10
N VAL C 40 -33.53 -13.30 -37.77
CA VAL C 40 -33.85 -14.27 -36.71
C VAL C 40 -33.42 -15.67 -37.13
N THR C 41 -33.74 -16.05 -38.37
CA THR C 41 -33.34 -17.36 -38.87
C THR C 41 -31.83 -17.51 -38.86
N GLY C 42 -31.11 -16.44 -39.20
CA GLY C 42 -29.65 -16.49 -39.15
C GLY C 42 -29.14 -16.85 -37.78
N TYR C 43 -29.71 -16.23 -36.73
CA TYR C 43 -29.32 -16.59 -35.37
C TYR C 43 -29.74 -18.02 -35.03
N GLN C 44 -30.91 -18.44 -35.51
CA GLN C 44 -31.39 -19.78 -35.20
C GLN C 44 -30.60 -20.86 -35.94
N ARG C 45 -30.01 -20.51 -37.08
CA ARG C 45 -29.21 -21.47 -37.83
C ARG C 45 -27.79 -21.63 -37.30
N LYS C 46 -27.33 -20.72 -36.44
CA LYS C 46 -25.99 -20.81 -35.90
C LYS C 46 -25.82 -22.11 -35.10
N SER C 47 -24.57 -22.42 -34.77
CA SER C 47 -24.26 -23.63 -34.03
C SER C 47 -24.43 -23.40 -32.53
N MET C 48 -24.59 -24.50 -31.80
CA MET C 48 -24.69 -24.42 -30.34
C MET C 48 -23.49 -23.69 -29.75
N TRP C 49 -22.30 -23.93 -30.31
CA TRP C 49 -21.10 -23.30 -29.78
C TRP C 49 -20.98 -21.84 -30.20
N GLU C 50 -21.51 -21.48 -31.37
CA GLU C 50 -21.41 -20.08 -31.81
C GLU C 50 -22.25 -19.17 -30.92
N MET C 51 -23.48 -19.60 -30.58
CA MET C 51 -24.33 -18.78 -29.74
C MET C 51 -23.82 -18.74 -28.30
N TRP C 52 -23.45 -19.91 -27.75
CA TRP C 52 -22.86 -19.92 -26.42
C TRP C 52 -21.64 -19.01 -26.36
N GLU C 53 -20.79 -19.07 -27.39
CA GLU C 53 -19.59 -18.23 -27.41
C GLU C 53 -19.97 -16.75 -27.48
N ARG C 54 -20.93 -16.39 -28.34
CA ARG C 54 -21.39 -15.02 -28.40
C ARG C 54 -21.84 -14.53 -27.02
N CYS C 55 -22.84 -15.19 -26.45
CA CYS C 55 -23.37 -14.75 -25.16
C CYS C 55 -22.27 -14.68 -24.10
N ALA C 56 -21.39 -15.68 -24.06
CA ALA C 56 -20.33 -15.69 -23.06
C ALA C 56 -19.45 -14.45 -23.17
N HIS C 57 -19.16 -14.02 -24.40
CA HIS C 57 -18.33 -12.83 -24.57
C HIS C 57 -19.06 -11.57 -24.11
N HIS C 58 -20.30 -11.40 -24.54
CA HIS C 58 -21.06 -10.21 -24.15
C HIS C 58 -21.16 -10.10 -22.63
N LEU C 59 -21.45 -11.20 -21.96
CA LEU C 59 -21.59 -11.15 -20.51
C LEU C 59 -20.24 -10.84 -19.85
N THR C 60 -19.18 -11.49 -20.30
CA THR C 60 -17.86 -11.19 -19.74
C THR C 60 -17.50 -9.73 -19.93
N GLU C 61 -17.87 -9.14 -21.07
CA GLU C 61 -17.57 -7.74 -21.30
C GLU C 61 -18.41 -6.85 -20.40
N ALA C 62 -19.64 -7.25 -20.12
CA ALA C 62 -20.50 -6.48 -19.22
C ALA C 62 -19.96 -6.50 -17.80
N ILE C 63 -19.39 -7.63 -17.37
CA ILE C 63 -18.84 -7.71 -16.03
C ILE C 63 -17.73 -6.69 -15.83
N GLN C 64 -16.89 -6.50 -16.86
CA GLN C 64 -15.81 -5.53 -16.76
C GLN C 64 -16.33 -4.15 -16.40
N TYR C 65 -17.41 -3.71 -17.07
CA TYR C 65 -18.01 -2.43 -16.74
C TYR C 65 -18.50 -2.41 -15.30
N VAL C 66 -19.02 -3.53 -14.81
CA VAL C 66 -19.46 -3.60 -13.42
C VAL C 66 -18.26 -3.50 -12.49
N VAL C 67 -17.13 -4.09 -12.88
CA VAL C 67 -15.91 -3.95 -12.08
C VAL C 67 -15.54 -2.49 -11.93
N GLU C 68 -15.67 -1.71 -13.00
CA GLU C 68 -15.38 -0.29 -12.92
C GLU C 68 -16.39 0.45 -12.04
N PHE C 69 -17.67 0.06 -12.12
CA PHE C 69 -18.66 0.65 -11.24
C PHE C 69 -18.27 0.46 -9.77
N ALA C 70 -17.71 -0.70 -9.43
CA ALA C 70 -17.31 -0.95 -8.05
C ALA C 70 -16.13 -0.09 -7.64
N LYS C 71 -15.15 0.07 -8.54
CA LYS C 71 -13.95 0.84 -8.22
C LYS C 71 -14.30 2.29 -7.88
N ARG C 72 -15.29 2.86 -8.58
CA ARG C 72 -15.54 4.28 -8.44
C ARG C 72 -16.42 4.63 -7.25
N LEU C 73 -16.90 3.64 -6.51
CA LEU C 73 -17.74 3.90 -5.34
C LEU C 73 -16.94 4.47 -4.16
N SER C 74 -15.62 4.60 -4.30
CA SER C 74 -14.77 5.26 -3.31
C SER C 74 -14.55 4.38 -2.09
N GLY C 75 -15.61 4.15 -1.30
CA GLY C 75 -15.48 3.27 -0.16
C GLY C 75 -15.05 1.86 -0.55
N PHE C 76 -15.32 1.47 -1.79
CA PHE C 76 -15.04 0.09 -2.21
C PHE C 76 -13.55 -0.15 -2.34
N MET C 77 -12.82 0.84 -2.90
CA MET C 77 -11.38 0.69 -3.07
C MET C 77 -10.65 0.58 -1.74
N GLU C 78 -11.14 1.25 -0.69
CA GLU C 78 -10.47 1.19 0.60
C GLU C 78 -10.59 -0.18 1.25
N LEU C 79 -11.63 -0.94 0.91
CA LEU C 79 -11.78 -2.28 1.46
C LEU C 79 -10.60 -3.15 1.05
N CYS C 80 -10.37 -4.21 1.83
CA CYS C 80 -9.24 -5.09 1.56
C CYS C 80 -9.42 -5.82 0.23
N GLN C 81 -8.31 -6.27 -0.33
CA GLN C 81 -8.34 -6.90 -1.65
C GLN C 81 -9.26 -8.10 -1.67
N ASN C 82 -9.14 -8.99 -0.67
CA ASN C 82 -9.96 -10.19 -0.65
C ASN C 82 -11.44 -9.85 -0.63
N ASP C 83 -11.83 -8.87 0.20
CA ASP C 83 -13.23 -8.47 0.24
C ASP C 83 -13.68 -7.88 -1.08
N GLN C 84 -12.79 -7.21 -1.81
CA GLN C 84 -13.15 -6.70 -3.13
C GLN C 84 -13.44 -7.83 -4.10
N ILE C 85 -12.67 -8.92 -4.02
CA ILE C 85 -12.87 -10.05 -4.92
C ILE C 85 -14.18 -10.76 -4.61
N VAL C 86 -14.44 -11.01 -3.32
CA VAL C 86 -15.63 -11.75 -2.93
C VAL C 86 -16.89 -10.96 -3.30
N LEU C 87 -16.91 -9.67 -2.98
CA LEU C 87 -18.07 -8.86 -3.33
C LEU C 87 -18.32 -8.86 -4.83
N LEU C 88 -17.26 -8.69 -5.63
CA LEU C 88 -17.43 -8.67 -7.08
C LEU C 88 -17.85 -10.02 -7.61
N LYS C 89 -17.17 -11.09 -7.19
CA LYS C 89 -17.53 -12.42 -7.68
C LYS C 89 -18.94 -12.80 -7.25
N ALA C 90 -19.43 -12.23 -6.15
CA ALA C 90 -20.74 -12.61 -5.63
C ALA C 90 -21.87 -11.84 -6.32
N GLY C 91 -21.64 -10.58 -6.70
CA GLY C 91 -22.71 -9.75 -7.19
C GLY C 91 -22.51 -9.09 -8.53
N ALA C 92 -21.33 -9.24 -9.12
CA ALA C 92 -21.05 -8.60 -10.41
C ALA C 92 -22.07 -9.00 -11.46
N MET C 93 -22.32 -10.32 -11.58
CA MET C 93 -23.30 -10.79 -12.56
C MET C 93 -24.72 -10.44 -12.16
N GLU C 94 -24.99 -10.39 -10.85
CA GLU C 94 -26.30 -9.91 -10.40
C GLU C 94 -26.57 -8.50 -10.90
N VAL C 95 -25.54 -7.66 -10.93
CA VAL C 95 -25.69 -6.30 -11.41
C VAL C 95 -25.80 -6.28 -12.93
N VAL C 96 -25.11 -7.18 -13.63
CA VAL C 96 -25.21 -7.24 -15.08
C VAL C 96 -26.63 -7.59 -15.51
N LEU C 97 -27.23 -8.58 -14.84
CA LEU C 97 -28.59 -8.98 -15.21
C LEU C 97 -29.60 -7.89 -14.87
N VAL C 98 -29.38 -7.15 -13.78
CA VAL C 98 -30.23 -6.00 -13.48
C VAL C 98 -30.08 -4.96 -14.56
N ARG C 99 -28.84 -4.66 -14.95
CA ARG C 99 -28.60 -3.70 -16.01
C ARG C 99 -29.26 -4.12 -17.32
N MET C 100 -29.43 -5.43 -17.53
CA MET C 100 -30.01 -5.93 -18.77
C MET C 100 -31.46 -5.48 -18.98
N CYS C 101 -32.19 -5.18 -17.90
CA CYS C 101 -33.57 -4.72 -18.07
C CYS C 101 -33.63 -3.42 -18.85
N ARG C 102 -32.58 -2.60 -18.78
CA ARG C 102 -32.53 -1.38 -19.58
C ARG C 102 -32.65 -1.71 -21.07
N ALA C 103 -32.15 -2.86 -21.49
CA ALA C 103 -32.22 -3.28 -22.89
C ALA C 103 -33.53 -3.97 -23.24
N TYR C 104 -34.46 -4.05 -22.30
CA TYR C 104 -35.69 -4.82 -22.48
C TYR C 104 -36.87 -3.87 -22.70
N ASN C 105 -37.69 -4.17 -23.70
CA ASN C 105 -38.88 -3.41 -24.01
C ASN C 105 -40.09 -4.29 -23.69
N ALA C 106 -40.82 -3.92 -22.62
CA ALA C 106 -41.98 -4.69 -22.20
C ALA C 106 -43.20 -4.45 -23.09
N ASP C 107 -43.18 -3.41 -23.93
CA ASP C 107 -44.31 -3.17 -24.82
C ASP C 107 -44.46 -4.30 -25.84
N ASN C 108 -43.33 -4.81 -26.36
CA ASN C 108 -43.35 -5.92 -27.30
C ASN C 108 -42.51 -7.10 -26.83
N ARG C 109 -41.99 -7.06 -25.61
CA ARG C 109 -41.26 -8.20 -25.03
C ARG C 109 -40.02 -8.55 -25.84
N THR C 110 -39.25 -7.52 -26.20
CA THR C 110 -38.02 -7.69 -26.95
C THR C 110 -36.85 -7.15 -26.14
N VAL C 111 -35.64 -7.53 -26.56
CA VAL C 111 -34.41 -7.16 -25.87
C VAL C 111 -33.37 -6.77 -26.91
N PHE C 112 -32.63 -5.70 -26.63
CA PHE C 112 -31.57 -5.25 -27.53
C PHE C 112 -30.41 -6.23 -27.50
N PHE C 113 -29.93 -6.61 -28.68
CA PHE C 113 -28.85 -7.59 -28.76
C PHE C 113 -28.17 -7.46 -30.12
N GLU C 114 -26.92 -7.01 -30.10
CA GLU C 114 -26.08 -6.95 -31.30
C GLU C 114 -26.73 -6.09 -32.40
N GLY C 115 -27.21 -4.91 -32.00
CA GLY C 115 -27.64 -3.89 -32.92
C GLY C 115 -29.13 -3.68 -33.02
N LYS C 116 -29.95 -4.68 -32.67
CA LYS C 116 -31.39 -4.60 -32.88
C LYS C 116 -32.12 -5.30 -31.74
N TYR C 117 -33.45 -5.20 -31.76
CA TYR C 117 -34.32 -5.78 -30.75
C TYR C 117 -34.91 -7.09 -31.26
N GLY C 118 -34.85 -8.13 -30.42
CA GLY C 118 -35.42 -9.41 -30.78
C GLY C 118 -35.96 -10.12 -29.56
N GLY C 119 -36.83 -11.09 -29.80
CA GLY C 119 -37.41 -11.89 -28.74
C GLY C 119 -36.49 -13.03 -28.32
N MET C 120 -37.05 -13.93 -27.51
CA MET C 120 -36.28 -15.05 -27.02
C MET C 120 -36.08 -16.14 -28.06
N GLU C 121 -36.83 -16.11 -29.16
CA GLU C 121 -36.53 -17.02 -30.27
C GLU C 121 -35.20 -16.69 -30.92
N LEU C 122 -34.67 -15.48 -30.66
CA LEU C 122 -33.34 -15.12 -31.13
C LEU C 122 -32.29 -16.10 -30.62
N PHE C 123 -32.49 -16.68 -29.44
CA PHE C 123 -31.50 -17.50 -28.77
C PHE C 123 -31.80 -19.00 -28.84
N ARG C 124 -32.66 -19.42 -29.76
CA ARG C 124 -33.09 -20.82 -29.77
C ARG C 124 -31.92 -21.78 -29.93
N ALA C 125 -30.91 -21.41 -30.72
CA ALA C 125 -29.79 -22.30 -30.97
C ALA C 125 -28.97 -22.61 -29.72
N LEU C 126 -29.15 -21.86 -28.63
CA LEU C 126 -28.38 -22.11 -27.43
C LEU C 126 -28.73 -23.44 -26.79
N GLY C 127 -29.99 -23.86 -26.87
CA GLY C 127 -30.44 -25.00 -26.09
C GLY C 127 -30.61 -24.68 -24.62
N CYS C 128 -30.90 -23.43 -24.29
CA CYS C 128 -31.05 -22.96 -22.91
C CYS C 128 -32.36 -22.19 -22.78
N SER C 129 -33.46 -22.83 -23.18
CA SER C 129 -34.74 -22.13 -23.23
C SER C 129 -35.24 -21.74 -21.84
N GLU C 130 -35.05 -22.62 -20.85
CA GLU C 130 -35.48 -22.28 -19.50
C GLU C 130 -34.67 -21.14 -18.92
N LEU C 131 -33.34 -21.18 -19.09
CA LEU C 131 -32.50 -20.08 -18.66
C LEU C 131 -32.95 -18.77 -19.31
N ILE C 132 -32.95 -18.73 -20.65
CA ILE C 132 -33.35 -17.52 -21.36
C ILE C 132 -34.73 -17.06 -20.91
N SER C 133 -35.67 -17.99 -20.82
CA SER C 133 -37.01 -17.66 -20.35
C SER C 133 -36.95 -16.95 -19.00
N SER C 134 -36.01 -17.35 -18.15
CA SER C 134 -35.88 -16.71 -16.84
C SER C 134 -35.34 -15.29 -16.97
N ILE C 135 -34.40 -15.08 -17.88
CA ILE C 135 -33.85 -13.74 -18.07
C ILE C 135 -34.93 -12.79 -18.57
N PHE C 136 -35.69 -13.22 -19.59
CA PHE C 136 -36.80 -12.42 -20.08
C PHE C 136 -37.80 -12.15 -18.96
N ASP C 137 -38.21 -13.20 -18.24
CA ASP C 137 -39.19 -13.02 -17.19
C ASP C 137 -38.67 -12.09 -16.10
N PHE C 138 -37.40 -12.25 -15.71
CA PHE C 138 -36.84 -11.39 -14.68
C PHE C 138 -36.79 -9.94 -15.15
N SER C 139 -36.38 -9.71 -16.40
CA SER C 139 -36.37 -8.35 -16.94
C SER C 139 -37.77 -7.78 -17.06
N HIS C 140 -38.75 -8.61 -17.39
CA HIS C 140 -40.12 -8.13 -17.50
C HIS C 140 -40.67 -7.72 -16.13
N SER C 141 -40.40 -8.53 -15.09
CA SER C 141 -40.84 -8.15 -13.75
C SER C 141 -40.12 -6.91 -13.26
N LEU C 142 -38.86 -6.73 -13.66
CA LEU C 142 -38.11 -5.56 -13.25
C LEU C 142 -38.52 -4.32 -14.04
N SER C 143 -38.94 -4.49 -15.29
CA SER C 143 -39.37 -3.34 -16.09
C SER C 143 -40.62 -2.69 -15.50
N ALA C 144 -41.48 -3.47 -14.85
CA ALA C 144 -42.69 -2.93 -14.23
C ALA C 144 -42.38 -1.96 -13.10
N LEU C 145 -41.13 -1.87 -12.66
CA LEU C 145 -40.75 -0.87 -11.66
C LEU C 145 -40.43 0.47 -12.30
N HIS C 146 -40.18 0.49 -13.61
CA HIS C 146 -39.82 1.73 -14.32
C HIS C 146 -38.69 2.45 -13.61
N PHE C 147 -37.57 1.73 -13.46
CA PHE C 147 -36.39 2.31 -12.83
C PHE C 147 -35.91 3.54 -13.59
N SER C 148 -35.59 4.59 -12.85
CA SER C 148 -34.78 5.65 -13.40
C SER C 148 -33.32 5.22 -13.43
N GLU C 149 -32.49 6.00 -14.14
CA GLU C 149 -31.07 5.69 -14.13
C GLU C 149 -30.44 5.96 -12.77
N ASP C 150 -30.94 6.97 -12.06
CA ASP C 150 -30.47 7.22 -10.70
C ASP C 150 -30.86 6.08 -9.76
N GLU C 151 -32.06 5.51 -9.95
CA GLU C 151 -32.50 4.40 -9.12
C GLU C 151 -31.70 3.14 -9.42
N ILE C 152 -31.33 2.93 -10.69
CA ILE C 152 -30.48 1.79 -11.03
C ILE C 152 -29.07 1.98 -10.47
N ALA C 153 -28.58 3.21 -10.43
CA ALA C 153 -27.26 3.47 -9.86
C ALA C 153 -27.22 3.09 -8.38
N LEU C 154 -28.21 3.55 -7.62
CA LEU C 154 -28.23 3.27 -6.19
C LEU C 154 -28.57 1.82 -5.90
N TYR C 155 -29.56 1.27 -6.61
CA TYR C 155 -29.98 -0.11 -6.34
C TYR C 155 -28.87 -1.09 -6.67
N THR C 156 -28.17 -0.89 -7.79
CA THR C 156 -27.10 -1.81 -8.16
C THR C 156 -25.92 -1.72 -7.20
N ALA C 157 -25.59 -0.51 -6.75
CA ALA C 157 -24.54 -0.37 -5.75
C ALA C 157 -24.89 -1.10 -4.46
N LEU C 158 -26.18 -1.15 -4.10
CA LEU C 158 -26.58 -1.92 -2.92
C LEU C 158 -26.50 -3.41 -3.18
N VAL C 159 -26.81 -3.85 -4.41
CA VAL C 159 -26.68 -5.26 -4.75
C VAL C 159 -25.23 -5.69 -4.62
N LEU C 160 -24.29 -4.81 -4.97
CA LEU C 160 -22.87 -5.14 -4.90
C LEU C 160 -22.38 -5.14 -3.46
N ILE C 161 -22.53 -4.00 -2.77
CA ILE C 161 -22.09 -3.88 -1.39
C ILE C 161 -23.09 -4.57 -0.47
N ASN C 162 -22.83 -5.84 -0.17
CA ASN C 162 -23.69 -6.64 0.69
C ASN C 162 -22.83 -7.26 1.78
N ALA C 163 -23.05 -6.85 3.03
CA ALA C 163 -22.24 -7.32 4.14
C ALA C 163 -22.46 -8.80 4.46
N HIS C 164 -23.49 -9.43 3.90
CA HIS C 164 -23.82 -10.80 4.22
C HIS C 164 -23.14 -11.82 3.32
N ARG C 165 -22.45 -11.39 2.28
CA ARG C 165 -21.76 -12.32 1.39
C ARG C 165 -20.81 -13.19 2.21
N PRO C 166 -20.67 -14.48 1.87
CA PRO C 166 -19.75 -15.34 2.62
C PRO C 166 -18.32 -15.14 2.15
N GLY C 167 -17.39 -15.19 3.10
CA GLY C 167 -15.99 -14.95 2.83
C GLY C 167 -15.52 -13.55 3.18
N LEU C 168 -16.43 -12.65 3.52
CA LEU C 168 -16.04 -11.30 3.93
C LEU C 168 -15.32 -11.36 5.27
N GLN C 169 -14.09 -10.86 5.30
CA GLN C 169 -13.29 -10.83 6.51
C GLN C 169 -13.59 -9.60 7.37
N GLU C 170 -13.59 -8.41 6.76
CA GLU C 170 -13.87 -7.16 7.47
C GLU C 170 -15.31 -6.73 7.21
N LYS C 171 -16.23 -7.45 7.86
CA LYS C 171 -17.65 -7.21 7.64
C LYS C 171 -18.07 -5.81 8.06
N ARG C 172 -17.58 -5.34 9.22
CA ARG C 172 -18.07 -4.08 9.77
C ARG C 172 -17.73 -2.90 8.87
N LYS C 173 -16.62 -2.97 8.12
CA LYS C 173 -16.30 -1.90 7.19
C LYS C 173 -17.11 -1.99 5.91
N VAL C 174 -17.66 -3.16 5.60
CA VAL C 174 -18.66 -3.27 4.54
C VAL C 174 -20.02 -2.84 5.07
N GLU C 175 -20.33 -3.15 6.32
CA GLU C 175 -21.59 -2.70 6.92
C GLU C 175 -21.71 -1.19 6.86
N GLN C 176 -20.64 -0.48 7.25
CA GLN C 176 -20.66 0.98 7.18
C GLN C 176 -20.92 1.45 5.76
N LEU C 177 -20.14 0.96 4.80
CA LEU C 177 -20.32 1.38 3.42
C LEU C 177 -21.69 0.99 2.88
N GLN C 178 -22.31 -0.04 3.47
CA GLN C 178 -23.64 -0.47 3.03
C GLN C 178 -24.73 0.43 3.61
N TYR C 179 -24.66 0.69 4.91
CA TYR C 179 -25.70 1.52 5.55
C TYR C 179 -25.78 2.89 4.90
N ASN C 180 -24.63 3.50 4.60
CA ASN C 180 -24.64 4.78 3.91
C ASN C 180 -25.35 4.68 2.56
N LEU C 181 -25.20 3.54 1.88
CA LEU C 181 -25.83 3.38 0.58
C LEU C 181 -27.33 3.15 0.71
N GLU C 182 -27.75 2.33 1.67
CA GLU C 182 -29.19 2.16 1.90
C GLU C 182 -29.84 3.48 2.29
N LEU C 183 -29.19 4.26 3.16
CA LEU C 183 -29.73 5.55 3.54
C LEU C 183 -29.80 6.49 2.34
N ALA C 184 -28.73 6.55 1.54
CA ALA C 184 -28.77 7.32 0.31
C ALA C 184 -29.91 6.88 -0.59
N PHE C 185 -30.08 5.56 -0.74
CA PHE C 185 -31.20 5.02 -1.51
C PHE C 185 -32.52 5.58 -1.01
N HIS C 186 -32.70 5.62 0.31
CA HIS C 186 -33.96 6.10 0.88
C HIS C 186 -34.12 7.61 0.69
N HIS C 187 -33.04 8.37 0.92
CA HIS C 187 -33.13 9.82 0.75
C HIS C 187 -33.59 10.17 -0.67
N HIS C 188 -32.94 9.59 -1.68
CA HIS C 188 -33.27 9.92 -3.05
C HIS C 188 -34.68 9.46 -3.41
N LEU C 189 -35.09 8.30 -2.90
CA LEU C 189 -36.42 7.79 -3.22
C LEU C 189 -37.51 8.65 -2.61
N HIS C 190 -37.29 9.16 -1.40
CA HIS C 190 -38.32 9.94 -0.72
C HIS C 190 -38.40 11.36 -1.28
N LYS C 191 -37.26 11.95 -1.64
CA LYS C 191 -37.26 13.27 -2.26
C LYS C 191 -37.86 13.26 -3.66
N THR C 192 -38.19 12.07 -4.20
CA THR C 192 -38.83 11.96 -5.50
C THR C 192 -40.13 11.16 -5.42
N HIS C 193 -40.67 10.97 -4.21
CA HIS C 193 -41.96 10.31 -4.00
C HIS C 193 -41.97 8.91 -4.61
N ARG C 194 -40.83 8.22 -4.52
CA ARG C 194 -40.69 6.90 -5.12
C ARG C 194 -40.37 5.82 -4.08
N GLN C 195 -40.73 6.06 -2.82
CA GLN C 195 -40.49 5.06 -1.78
C GLN C 195 -41.39 3.84 -1.92
N SER C 196 -42.44 3.92 -2.75
CA SER C 196 -43.38 2.81 -2.88
C SER C 196 -42.80 1.62 -3.63
N ILE C 197 -41.66 1.78 -4.32
CA ILE C 197 -41.08 0.66 -5.05
C ILE C 197 -40.21 -0.22 -4.17
N LEU C 198 -39.94 0.18 -2.93
CA LEU C 198 -39.15 -0.66 -2.04
C LEU C 198 -39.84 -1.99 -1.79
N ALA C 199 -41.13 -1.95 -1.44
CA ALA C 199 -41.89 -3.17 -1.21
C ALA C 199 -42.10 -3.99 -2.48
N LYS C 200 -41.62 -3.52 -3.63
CA LYS C 200 -41.80 -4.21 -4.90
C LYS C 200 -40.51 -4.79 -5.47
N LEU C 201 -39.36 -4.47 -4.87
CA LEU C 201 -38.09 -4.98 -5.39
C LEU C 201 -38.02 -6.49 -5.27
N PRO C 202 -37.19 -7.13 -6.09
CA PRO C 202 -37.03 -8.58 -6.02
C PRO C 202 -36.21 -8.97 -4.81
N PRO C 203 -36.48 -10.13 -4.22
CA PRO C 203 -35.71 -10.56 -3.04
C PRO C 203 -34.23 -10.72 -3.35
N LYS C 204 -33.41 -10.69 -2.30
CA LYS C 204 -31.98 -10.86 -2.46
C LYS C 204 -31.63 -12.18 -3.13
N GLY C 205 -32.41 -13.24 -2.86
CA GLY C 205 -32.13 -14.55 -3.41
C GLY C 205 -32.52 -14.72 -4.86
N LYS C 206 -33.67 -14.16 -5.26
CA LYS C 206 -34.17 -14.35 -6.62
C LYS C 206 -33.16 -13.89 -7.67
N LEU C 207 -32.29 -12.93 -7.33
CA LEU C 207 -31.34 -12.40 -8.29
C LEU C 207 -30.44 -13.47 -8.91
N ARG C 208 -30.38 -14.67 -8.33
CA ARG C 208 -29.38 -15.65 -8.75
C ARG C 208 -29.97 -16.92 -9.36
N SER C 209 -30.50 -17.82 -8.53
CA SER C 209 -30.75 -19.19 -8.97
C SER C 209 -31.68 -19.24 -10.17
N LEU C 210 -32.76 -18.47 -10.14
CA LEU C 210 -33.69 -18.44 -11.28
C LEU C 210 -34.04 -17.00 -11.65
N SER D 1 26.43 -5.41 13.43
CA SER D 1 27.55 -6.08 14.09
C SER D 1 27.10 -6.69 15.42
N LEU D 2 27.29 -8.01 15.56
CA LEU D 2 26.77 -8.70 16.73
C LEU D 2 27.52 -8.30 17.99
N THR D 3 28.86 -8.38 17.97
CA THR D 3 29.63 -7.88 19.10
C THR D 3 29.35 -6.40 19.36
N GLU D 4 28.90 -5.68 18.33
CA GLU D 4 28.47 -4.29 18.50
C GLU D 4 27.12 -4.24 19.22
N ILE D 5 26.13 -4.97 18.69
CA ILE D 5 24.81 -5.00 19.32
C ILE D 5 24.89 -5.59 20.72
N GLU D 6 25.65 -6.68 20.88
CA GLU D 6 25.65 -7.40 22.15
C GLU D 6 26.29 -6.59 23.28
N HIS D 7 27.16 -5.62 22.96
CA HIS D 7 27.70 -4.77 24.03
C HIS D 7 26.86 -3.52 24.24
N LEU D 8 26.05 -3.13 23.26
CA LEU D 8 25.02 -2.13 23.51
C LEU D 8 24.01 -2.66 24.51
N VAL D 9 23.65 -3.95 24.39
CA VAL D 9 22.80 -4.60 25.38
C VAL D 9 23.50 -4.61 26.74
N GLN D 10 24.83 -4.83 26.73
CA GLN D 10 25.57 -4.92 27.98
C GLN D 10 25.66 -3.56 28.68
N SER D 11 26.03 -2.52 27.93
CA SER D 11 26.17 -1.20 28.53
C SER D 11 24.83 -0.59 28.93
N VAL D 12 23.74 -1.01 28.27
CA VAL D 12 22.41 -0.55 28.68
C VAL D 12 22.00 -1.23 29.98
N CYS D 13 22.20 -2.55 30.07
CA CYS D 13 21.89 -3.26 31.30
C CYS D 13 22.80 -2.82 32.44
N LYS D 14 24.10 -2.67 32.16
CA LYS D 14 25.01 -2.17 33.19
C LYS D 14 24.63 -0.78 33.63
N SER D 15 24.20 0.08 32.70
CA SER D 15 23.73 1.41 33.06
C SER D 15 22.47 1.33 33.91
N TYR D 16 21.59 0.37 33.61
CA TYR D 16 20.37 0.20 34.40
C TYR D 16 20.70 -0.25 35.82
N ARG D 17 21.53 -1.30 35.95
CA ARG D 17 21.86 -1.81 37.28
C ARG D 17 22.51 -0.72 38.13
N GLU D 18 23.29 0.17 37.52
CA GLU D 18 23.94 1.23 38.26
C GLU D 18 22.99 2.36 38.64
N THR D 19 21.76 2.36 38.12
CA THR D 19 20.82 3.44 38.38
C THR D 19 19.42 2.94 38.71
N CYS D 20 19.28 1.67 39.11
CA CYS D 20 17.97 1.12 39.42
C CYS D 20 17.36 1.69 40.70
N GLN D 21 18.13 2.47 41.46
CA GLN D 21 17.64 3.06 42.71
C GLN D 21 17.43 1.97 43.76
N LEU D 22 16.38 1.16 43.59
CA LEU D 22 16.09 0.04 44.48
C LEU D 22 16.40 -1.26 43.77
N ARG D 23 17.21 -2.10 44.39
CA ARG D 23 17.56 -3.39 43.79
C ARG D 23 16.39 -4.35 43.88
N LEU D 24 16.22 -5.15 42.82
CA LEU D 24 15.10 -6.08 42.76
C LEU D 24 15.11 -7.02 43.97
N GLU D 25 16.24 -7.67 44.23
CA GLU D 25 16.30 -8.65 45.31
C GLU D 25 15.88 -8.04 46.65
N ASP D 26 16.22 -6.77 46.87
CA ASP D 26 15.83 -6.13 48.12
C ASP D 26 14.32 -5.97 48.21
N LEU D 27 13.67 -5.65 47.09
CA LEU D 27 12.22 -5.47 47.11
C LEU D 27 11.50 -6.80 47.35
N LEU D 28 12.05 -7.89 46.84
CA LEU D 28 11.42 -9.19 47.03
C LEU D 28 11.63 -9.72 48.45
N ARG D 29 12.78 -9.42 49.05
CA ARG D 29 13.03 -9.87 50.41
C ARG D 29 12.10 -9.20 51.41
N GLN D 30 11.62 -7.99 51.09
CA GLN D 30 10.75 -7.23 51.98
C GLN D 30 9.27 -7.51 51.74
N ARG D 31 8.94 -8.44 50.84
CA ARG D 31 7.54 -8.63 50.45
C ARG D 31 6.66 -8.98 51.65
N SER D 32 7.18 -9.81 52.56
CA SER D 32 6.41 -10.18 53.75
C SER D 32 6.25 -9.03 54.74
N ASN D 33 6.89 -7.88 54.50
CA ASN D 33 6.83 -6.74 55.41
C ASN D 33 5.71 -5.81 54.95
N ILE D 34 4.49 -6.13 55.37
CA ILE D 34 3.30 -5.40 54.99
C ILE D 34 2.98 -4.36 56.06
N PHE D 35 2.42 -3.23 55.61
CA PHE D 35 2.02 -2.18 56.54
C PHE D 35 0.93 -2.68 57.49
N SER D 36 1.08 -2.35 58.78
CA SER D 36 0.05 -2.68 59.75
C SER D 36 -1.12 -1.71 59.59
N ARG D 37 -2.22 -2.02 60.28
CA ARG D 37 -3.43 -1.21 60.15
C ARG D 37 -3.20 0.19 60.73
N GLU D 38 -2.55 0.27 61.88
CA GLU D 38 -2.24 1.58 62.45
C GLU D 38 -1.32 2.37 61.53
N GLU D 39 -0.33 1.72 60.93
CA GLU D 39 0.52 2.41 59.96
C GLU D 39 -0.31 2.93 58.79
N VAL D 40 -1.27 2.13 58.33
CA VAL D 40 -2.16 2.58 57.27
C VAL D 40 -2.99 3.77 57.72
N THR D 41 -3.57 3.68 58.93
CA THR D 41 -4.39 4.77 59.45
C THR D 41 -3.59 6.07 59.55
N GLY D 42 -2.33 5.98 59.97
CA GLY D 42 -1.48 7.16 59.98
C GLY D 42 -1.36 7.78 58.60
N TYR D 43 -1.19 6.96 57.57
CA TYR D 43 -1.17 7.49 56.21
C TYR D 43 -2.51 8.08 55.83
N GLN D 44 -3.60 7.43 56.26
CA GLN D 44 -4.93 7.94 55.93
C GLN D 44 -5.28 9.18 56.74
N ARG D 45 -4.70 9.32 57.94
CA ARG D 45 -4.97 10.49 58.76
C ARG D 45 -4.19 11.72 58.33
N LYS D 46 -3.12 11.55 57.56
CA LYS D 46 -2.35 12.69 57.11
C LYS D 46 -3.23 13.66 56.32
N SER D 47 -2.80 14.92 56.29
CA SER D 47 -3.51 15.91 55.50
C SER D 47 -3.36 15.63 54.01
N MET D 48 -4.33 16.11 53.24
CA MET D 48 -4.23 16.02 51.79
C MET D 48 -2.90 16.57 51.30
N TRP D 49 -2.50 17.73 51.83
CA TRP D 49 -1.32 18.40 51.32
C TRP D 49 -0.06 17.61 51.64
N GLU D 50 -0.01 16.98 52.80
CA GLU D 50 1.22 16.31 53.20
C GLU D 50 1.56 15.10 52.32
N MET D 51 0.84 14.83 51.23
CA MET D 51 0.80 13.42 50.82
C MET D 51 1.17 12.84 49.42
N TRP D 52 1.04 13.46 48.25
CA TRP D 52 1.11 14.87 47.79
C TRP D 52 2.44 15.61 48.06
N GLU D 53 2.74 16.15 49.25
CA GLU D 53 4.12 16.61 49.42
C GLU D 53 5.07 15.44 49.40
N ARG D 54 4.68 14.31 49.99
CA ARG D 54 5.53 13.13 49.99
C ARG D 54 5.58 12.50 48.60
N CYS D 55 4.41 12.31 47.98
CA CYS D 55 4.36 11.68 46.67
C CYS D 55 5.15 12.47 45.64
N ALA D 56 5.02 13.80 45.64
CA ALA D 56 5.79 14.61 44.69
C ALA D 56 7.29 14.45 44.92
N HIS D 57 7.70 14.34 46.18
CA HIS D 57 9.12 14.17 46.48
C HIS D 57 9.66 12.84 45.94
N HIS D 58 8.95 11.75 46.21
CA HIS D 58 9.39 10.44 45.76
C HIS D 58 9.53 10.40 44.24
N LEU D 59 8.53 10.91 43.53
CA LEU D 59 8.59 10.92 42.06
C LEU D 59 9.74 11.80 41.58
N THR D 60 9.86 13.00 42.13
CA THR D 60 10.97 13.87 41.76
C THR D 60 12.31 13.17 41.94
N GLU D 61 12.47 12.45 43.06
CA GLU D 61 13.72 11.75 43.31
C GLU D 61 13.91 10.60 42.33
N ALA D 62 12.81 9.91 41.98
CA ALA D 62 12.89 8.82 41.02
C ALA D 62 13.30 9.32 39.64
N ILE D 63 12.83 10.51 39.25
CA ILE D 63 13.20 11.07 37.95
C ILE D 63 14.70 11.28 37.86
N GLN D 64 15.31 11.74 38.95
CA GLN D 64 16.75 11.96 38.96
C GLN D 64 17.51 10.69 38.57
N TYR D 65 17.10 9.55 39.14
CA TYR D 65 17.73 8.29 38.77
C TYR D 65 17.52 7.99 37.29
N VAL D 66 16.36 8.34 36.74
CA VAL D 66 16.12 8.14 35.32
C VAL D 66 16.99 9.07 34.50
N VAL D 67 17.24 10.29 35.00
CA VAL D 67 18.15 11.20 34.31
C VAL D 67 19.53 10.57 34.19
N GLU D 68 20.01 9.92 35.26
CA GLU D 68 21.29 9.24 35.20
C GLU D 68 21.26 8.06 34.23
N PHE D 69 20.14 7.33 34.19
CA PHE D 69 20.02 6.25 33.22
C PHE D 69 20.17 6.77 31.80
N ALA D 70 19.62 7.95 31.52
CA ALA D 70 19.78 8.55 30.19
C ALA D 70 21.21 9.00 29.97
N LYS D 71 21.84 9.60 30.98
CA LYS D 71 23.21 10.09 30.81
C LYS D 71 24.16 8.98 30.38
N ARG D 72 23.92 7.76 30.81
CA ARG D 72 24.85 6.65 30.58
C ARG D 72 24.47 5.78 29.40
N LEU D 73 23.36 6.08 28.72
CA LEU D 73 23.06 5.42 27.47
C LEU D 73 24.01 5.90 26.39
N SER D 74 24.79 5.00 25.83
CA SER D 74 25.77 5.37 24.82
C SER D 74 25.11 6.11 23.67
N GLY D 75 25.52 7.37 23.47
CA GLY D 75 25.00 8.21 22.41
C GLY D 75 24.08 9.31 22.90
N PHE D 76 23.42 9.11 24.05
CA PHE D 76 22.49 10.12 24.55
C PHE D 76 23.21 11.42 24.85
N MET D 77 24.37 11.34 25.51
CA MET D 77 25.15 12.55 25.79
C MET D 77 25.55 13.27 24.51
N GLU D 78 25.73 12.53 23.41
CA GLU D 78 26.16 13.15 22.16
C GLU D 78 25.04 13.96 21.52
N LEU D 79 23.79 13.61 21.78
CA LEU D 79 22.67 14.39 21.25
C LEU D 79 22.74 15.83 21.77
N CYS D 80 22.12 16.73 21.01
CA CYS D 80 22.13 18.14 21.39
C CYS D 80 21.39 18.35 22.70
N GLN D 81 21.70 19.47 23.37
CA GLN D 81 21.14 19.74 24.69
C GLN D 81 19.61 19.77 24.63
N ASN D 82 19.05 20.49 23.67
CA ASN D 82 17.59 20.60 23.58
C ASN D 82 16.95 19.23 23.43
N ASP D 83 17.48 18.40 22.54
CA ASP D 83 16.92 17.06 22.36
C ASP D 83 17.03 16.24 23.64
N GLN D 84 18.07 16.46 24.44
CA GLN D 84 18.17 15.76 25.71
C GLN D 84 17.07 16.19 26.67
N ILE D 85 16.73 17.48 26.68
CA ILE D 85 15.68 17.96 27.58
C ILE D 85 14.32 17.43 27.15
N VAL D 86 14.02 17.47 25.86
CA VAL D 86 12.71 17.05 25.38
C VAL D 86 12.50 15.56 25.63
N LEU D 87 13.49 14.74 25.28
CA LEU D 87 13.37 13.31 25.51
C LEU D 87 13.16 13.01 26.99
N LEU D 88 13.91 13.68 27.87
CA LEU D 88 13.77 13.43 29.29
C LEU D 88 12.42 13.92 29.81
N LYS D 89 12.04 15.16 29.46
CA LYS D 89 10.77 15.68 29.93
C LYS D 89 9.60 14.87 29.38
N ALA D 90 9.78 14.22 28.23
CA ALA D 90 8.69 13.49 27.61
C ALA D 90 8.56 12.08 28.16
N GLY D 91 9.66 11.44 28.52
CA GLY D 91 9.62 10.03 28.88
C GLY D 91 10.17 9.66 30.24
N ALA D 92 10.75 10.62 30.97
CA ALA D 92 11.34 10.32 32.26
C ALA D 92 10.32 9.68 33.19
N MET D 93 9.14 10.31 33.33
CA MET D 93 8.12 9.76 34.22
C MET D 93 7.53 8.48 33.67
N GLU D 94 7.45 8.33 32.34
CA GLU D 94 7.02 7.06 31.77
C GLU D 94 7.92 5.93 32.22
N VAL D 95 9.22 6.19 32.34
CA VAL D 95 10.16 5.17 32.79
C VAL D 95 10.02 4.93 34.28
N VAL D 96 9.72 5.98 35.05
CA VAL D 96 9.54 5.81 36.49
C VAL D 96 8.34 4.91 36.79
N LEU D 97 7.24 5.11 36.07
CA LEU D 97 6.07 4.27 36.30
C LEU D 97 6.32 2.83 35.88
N VAL D 98 7.04 2.63 34.77
CA VAL D 98 7.44 1.27 34.39
C VAL D 98 8.29 0.67 35.50
N ARG D 99 9.26 1.44 36.01
CA ARG D 99 10.09 0.95 37.11
C ARG D 99 9.25 0.60 38.33
N MET D 100 8.10 1.27 38.50
CA MET D 100 7.29 1.06 39.69
C MET D 100 6.72 -0.35 39.78
N CYS D 101 6.59 -1.05 38.65
CA CYS D 101 6.08 -2.42 38.70
C CYS D 101 7.01 -3.34 39.46
N ARG D 102 8.31 -3.02 39.48
CA ARG D 102 9.25 -3.81 40.28
C ARG D 102 8.86 -3.81 41.75
N ALA D 103 8.21 -2.74 42.21
CA ALA D 103 7.78 -2.61 43.59
C ALA D 103 6.40 -3.21 43.86
N TYR D 104 5.78 -3.83 42.85
CA TYR D 104 4.42 -4.33 42.95
C TYR D 104 4.42 -5.85 43.08
N ASN D 105 3.61 -6.34 44.01
CA ASN D 105 3.43 -7.77 44.24
C ASN D 105 2.01 -8.14 43.81
N ALA D 106 1.90 -8.84 42.67
CA ALA D 106 0.60 -9.24 42.15
C ALA D 106 -0.04 -10.34 42.97
N ASP D 107 0.74 -11.08 43.76
CA ASP D 107 0.17 -12.16 44.57
C ASP D 107 -0.83 -11.63 45.59
N ASN D 108 -0.54 -10.48 46.19
CA ASN D 108 -1.47 -9.84 47.12
C ASN D 108 -1.86 -8.42 46.71
N ARG D 109 -1.42 -7.95 45.54
CA ARG D 109 -1.81 -6.64 45.02
C ARG D 109 -1.37 -5.52 45.95
N THR D 110 -0.09 -5.55 46.33
CA THR D 110 0.51 -4.53 47.17
C THR D 110 1.71 -3.90 46.46
N VAL D 111 2.12 -2.75 46.98
CA VAL D 111 3.23 -2.00 46.40
C VAL D 111 4.15 -1.52 47.52
N PHE D 112 5.46 -1.57 47.28
CA PHE D 112 6.43 -1.10 48.25
C PHE D 112 6.41 0.41 48.31
N PHE D 113 6.40 0.96 49.53
CA PHE D 113 6.32 2.41 49.70
C PHE D 113 6.80 2.76 51.10
N GLU D 114 7.97 3.41 51.17
CA GLU D 114 8.50 3.95 52.41
C GLU D 114 8.71 2.85 53.45
N GLY D 115 9.33 1.75 53.01
CA GLY D 115 9.81 0.71 53.89
C GLY D 115 8.98 -0.56 53.89
N LYS D 116 7.71 -0.50 53.51
CA LYS D 116 6.84 -1.67 53.63
C LYS D 116 5.88 -1.73 52.44
N TYR D 117 5.12 -2.83 52.39
CA TYR D 117 4.16 -3.08 51.32
C TYR D 117 2.75 -2.74 51.79
N GLY D 118 2.02 -2.00 50.96
CA GLY D 118 0.64 -1.66 51.26
C GLY D 118 -0.19 -1.56 50.00
N GLY D 119 -1.50 -1.65 50.19
CA GLY D 119 -2.44 -1.49 49.10
C GLY D 119 -2.68 -0.03 48.75
N MET D 120 -3.64 0.19 47.86
CA MET D 120 -3.95 1.55 47.43
C MET D 120 -4.74 2.33 48.46
N GLU D 121 -5.29 1.67 49.49
CA GLU D 121 -5.86 2.43 50.61
C GLU D 121 -4.79 3.20 51.37
N LEU D 122 -3.51 2.85 51.14
CA LEU D 122 -2.42 3.60 51.74
C LEU D 122 -2.43 5.07 51.29
N PHE D 123 -2.97 5.34 50.11
CA PHE D 123 -2.93 6.67 49.49
C PHE D 123 -4.27 7.40 49.55
N ARG D 124 -5.20 6.94 50.39
CA ARG D 124 -6.54 7.50 50.38
C ARG D 124 -6.53 9.01 50.60
N ALA D 125 -5.57 9.50 51.39
CA ALA D 125 -5.55 10.93 51.72
C ALA D 125 -5.28 11.80 50.50
N LEU D 126 -4.76 11.24 49.41
CA LEU D 126 -4.49 12.04 48.22
C LEU D 126 -5.77 12.61 47.61
N GLY D 127 -6.87 11.86 47.69
CA GLY D 127 -8.03 12.22 46.90
C GLY D 127 -7.88 11.91 45.43
N CYS D 128 -7.01 10.96 45.08
CA CYS D 128 -6.71 10.58 43.70
C CYS D 128 -6.91 9.07 43.53
N SER D 129 -8.12 8.61 43.82
CA SER D 129 -8.38 7.18 43.84
C SER D 129 -8.34 6.59 42.42
N GLU D 130 -8.82 7.34 41.43
CA GLU D 130 -8.77 6.84 40.06
C GLU D 130 -7.36 6.82 39.53
N LEU D 131 -6.59 7.88 39.79
CA LEU D 131 -5.18 7.89 39.40
C LEU D 131 -4.43 6.73 40.03
N ILE D 132 -4.52 6.59 41.35
CA ILE D 132 -3.84 5.50 42.04
C ILE D 132 -4.31 4.16 41.52
N SER D 133 -5.62 4.01 41.31
CA SER D 133 -6.14 2.77 40.74
C SER D 133 -5.49 2.48 39.39
N SER D 134 -5.24 3.52 38.59
CA SER D 134 -4.61 3.31 37.30
C SER D 134 -3.15 2.88 37.45
N ILE D 135 -2.46 3.42 38.45
CA ILE D 135 -1.08 3.01 38.71
C ILE D 135 -1.04 1.53 39.10
N PHE D 136 -1.87 1.14 40.06
CA PHE D 136 -1.95 -0.26 40.45
C PHE D 136 -2.32 -1.13 39.25
N ASP D 137 -3.36 -0.73 38.50
CA ASP D 137 -3.80 -1.53 37.37
C ASP D 137 -2.72 -1.64 36.31
N PHE D 138 -2.02 -0.53 36.03
CA PHE D 138 -0.94 -0.57 35.06
C PHE D 138 0.18 -1.48 35.52
N SER D 139 0.54 -1.40 36.81
CA SER D 139 1.58 -2.26 37.34
C SER D 139 1.15 -3.73 37.33
N HIS D 140 -0.13 -3.99 37.58
CA HIS D 140 -0.62 -5.36 37.57
C HIS D 140 -0.56 -5.95 36.17
N SER D 141 -0.97 -5.18 35.16
CA SER D 141 -0.87 -5.66 33.79
C SER D 141 0.58 -5.83 33.35
N LEU D 142 1.47 -4.98 33.86
CA LEU D 142 2.88 -5.10 33.51
C LEU D 142 3.55 -6.27 34.22
N SER D 143 3.12 -6.57 35.45
CA SER D 143 3.69 -7.69 36.18
C SER D 143 3.42 -9.01 35.46
N ALA D 144 2.31 -9.11 34.75
CA ALA D 144 1.97 -10.33 34.01
C ALA D 144 2.96 -10.63 32.89
N LEU D 145 3.84 -9.70 32.56
CA LEU D 145 4.90 -9.95 31.60
C LEU D 145 6.13 -10.59 32.23
N HIS D 146 6.23 -10.56 33.56
CA HIS D 146 7.37 -11.11 34.28
C HIS D 146 8.69 -10.61 33.69
N PHE D 147 8.83 -9.28 33.67
CA PHE D 147 10.03 -8.65 33.16
C PHE D 147 11.25 -9.09 33.95
N SER D 148 12.31 -9.46 33.24
CA SER D 148 13.61 -9.55 33.86
C SER D 148 14.19 -8.15 34.01
N GLU D 149 15.25 -8.03 34.79
CA GLU D 149 15.92 -6.74 34.92
C GLU D 149 16.57 -6.33 33.61
N ASP D 150 17.11 -7.30 32.87
CA ASP D 150 17.66 -6.99 31.54
C ASP D 150 16.57 -6.51 30.59
N GLU D 151 15.37 -7.09 30.69
CA GLU D 151 14.28 -6.67 29.84
C GLU D 151 13.77 -5.28 30.23
N ILE D 152 13.80 -4.95 31.52
CA ILE D 152 13.41 -3.60 31.94
C ILE D 152 14.47 -2.59 31.52
N ALA D 153 15.73 -3.00 31.48
CA ALA D 153 16.80 -2.10 31.05
C ALA D 153 16.60 -1.65 29.61
N LEU D 154 16.39 -2.60 28.70
CA LEU D 154 16.24 -2.25 27.30
C LEU D 154 14.88 -1.62 27.00
N TYR D 155 13.81 -2.14 27.62
CA TYR D 155 12.49 -1.59 27.36
C TYR D 155 12.40 -0.13 27.81
N THR D 156 12.92 0.19 29.00
CA THR D 156 12.89 1.57 29.46
C THR D 156 13.75 2.46 28.59
N ALA D 157 14.91 1.95 28.14
CA ALA D 157 15.74 2.73 27.24
C ALA D 157 15.01 3.06 25.95
N LEU D 158 14.16 2.14 25.47
CA LEU D 158 13.36 2.42 24.28
C LEU D 158 12.26 3.43 24.56
N VAL D 159 11.67 3.37 25.76
CA VAL D 159 10.66 4.36 26.14
C VAL D 159 11.26 5.76 26.14
N LEU D 160 12.51 5.87 26.57
CA LEU D 160 13.17 7.17 26.62
C LEU D 160 13.54 7.67 25.23
N ILE D 161 14.35 6.88 24.51
CA ILE D 161 14.79 7.25 23.17
C ILE D 161 13.67 7.01 22.18
N ASN D 162 12.86 8.03 21.93
CA ASN D 162 11.75 7.96 20.99
C ASN D 162 11.91 9.08 19.97
N ALA D 163 12.11 8.71 18.70
CA ALA D 163 12.32 9.71 17.66
C ALA D 163 11.06 10.51 17.34
N HIS D 164 9.89 10.08 17.83
CA HIS D 164 8.63 10.73 17.49
C HIS D 164 8.23 11.84 18.46
N ARG D 165 8.96 12.01 19.56
CA ARG D 165 8.62 13.07 20.50
C ARG D 165 8.60 14.41 19.78
N PRO D 166 7.68 15.31 20.13
CA PRO D 166 7.64 16.62 19.47
C PRO D 166 8.68 17.56 20.06
N GLY D 167 9.26 18.39 19.19
CA GLY D 167 10.32 19.29 19.57
C GLY D 167 11.71 18.80 19.26
N LEU D 168 11.86 17.55 18.83
CA LEU D 168 13.17 17.02 18.45
C LEU D 168 13.65 17.71 17.19
N GLN D 169 14.82 18.34 17.27
CA GLN D 169 15.39 19.03 16.12
C GLN D 169 16.19 18.07 15.23
N GLU D 170 17.07 17.27 15.84
CA GLU D 170 17.89 16.33 15.11
C GLU D 170 17.30 14.92 15.22
N LYS D 171 16.20 14.73 14.49
CA LYS D 171 15.46 13.47 14.59
C LYS D 171 16.31 12.29 14.12
N ARG D 172 17.03 12.45 13.01
CA ARG D 172 17.72 11.31 12.42
C ARG D 172 18.81 10.75 13.33
N LYS D 173 19.41 11.59 14.18
CA LYS D 173 20.40 11.09 15.12
C LYS D 173 19.75 10.42 16.33
N VAL D 174 18.48 10.72 16.60
CA VAL D 174 17.72 9.94 17.57
C VAL D 174 17.21 8.66 16.93
N GLU D 175 16.84 8.71 15.65
CA GLU D 175 16.42 7.51 14.95
C GLU D 175 17.50 6.45 14.98
N GLN D 176 18.74 6.84 14.68
CA GLN D 176 19.86 5.89 14.72
C GLN D 176 20.00 5.27 16.11
N LEU D 177 20.08 6.13 17.14
CA LEU D 177 20.22 5.61 18.50
C LEU D 177 19.02 4.76 18.90
N GLN D 178 17.86 4.99 18.27
CA GLN D 178 16.66 4.21 18.59
C GLN D 178 16.69 2.84 17.90
N TYR D 179 16.99 2.83 16.60
CA TYR D 179 17.01 1.56 15.87
C TYR D 179 18.00 0.59 16.48
N ASN D 180 19.17 1.07 16.88
CA ASN D 180 20.14 0.20 17.56
C ASN D 180 19.55 -0.37 18.83
N LEU D 181 18.74 0.41 19.54
CA LEU D 181 18.13 -0.06 20.78
C LEU D 181 17.02 -1.07 20.52
N GLU D 182 16.17 -0.80 19.53
CA GLU D 182 15.13 -1.77 19.19
C GLU D 182 15.73 -3.08 18.72
N LEU D 183 16.78 -3.02 17.90
CA LEU D 183 17.44 -4.24 17.45
C LEU D 183 18.09 -4.98 18.61
N ALA D 184 18.78 -4.25 19.49
CA ALA D 184 19.33 -4.88 20.68
C ALA D 184 18.22 -5.52 21.51
N PHE D 185 17.08 -4.84 21.63
CA PHE D 185 15.93 -5.42 22.31
C PHE D 185 15.56 -6.77 21.70
N HIS D 186 15.51 -6.83 20.37
CA HIS D 186 15.13 -8.07 19.69
C HIS D 186 16.20 -9.14 19.85
N HIS D 187 17.47 -8.78 19.70
CA HIS D 187 18.54 -9.76 19.85
C HIS D 187 18.47 -10.44 21.21
N HIS D 188 18.33 -9.66 22.28
CA HIS D 188 18.31 -10.23 23.63
C HIS D 188 17.07 -11.07 23.86
N LEU D 189 15.93 -10.67 23.29
CA LEU D 189 14.71 -11.43 23.48
C LEU D 189 14.76 -12.78 22.76
N HIS D 190 15.31 -12.80 21.54
CA HIS D 190 15.37 -14.05 20.79
C HIS D 190 16.41 -15.00 21.36
N LYS D 191 17.54 -14.46 21.83
CA LYS D 191 18.56 -15.29 22.45
C LYS D 191 18.12 -15.87 23.79
N THR D 192 16.97 -15.42 24.33
CA THR D 192 16.42 -15.96 25.56
C THR D 192 15.00 -16.49 25.38
N HIS D 193 14.58 -16.69 24.13
CA HIS D 193 13.28 -17.29 23.82
C HIS D 193 12.13 -16.49 24.42
N ARG D 194 12.28 -15.17 24.45
CA ARG D 194 11.30 -14.27 25.07
C ARG D 194 10.71 -13.30 24.05
N GLN D 195 10.73 -13.66 22.76
CA GLN D 195 10.17 -12.78 21.75
C GLN D 195 8.65 -12.73 21.80
N SER D 196 8.00 -13.60 22.56
CA SER D 196 6.54 -13.63 22.61
C SER D 196 5.95 -12.48 23.42
N ILE D 197 6.76 -11.75 24.19
CA ILE D 197 6.24 -10.64 24.97
C ILE D 197 6.14 -9.35 24.18
N LEU D 198 6.69 -9.32 22.97
CA LEU D 198 6.60 -8.11 22.14
C LEU D 198 5.15 -7.77 21.83
N ALA D 199 4.38 -8.76 21.37
CA ALA D 199 2.96 -8.55 21.08
C ALA D 199 2.13 -8.29 22.33
N LYS D 200 2.74 -8.31 23.51
CA LYS D 200 2.02 -8.10 24.76
C LYS D 200 2.35 -6.77 25.44
N LEU D 201 3.35 -6.04 24.94
CA LEU D 201 3.75 -4.80 25.57
C LEU D 201 2.64 -3.76 25.46
N PRO D 202 2.61 -2.79 26.38
CA PRO D 202 1.62 -1.72 26.30
C PRO D 202 1.97 -0.73 25.20
N PRO D 203 1.00 0.08 24.76
CA PRO D 203 1.12 1.08 23.69
C PRO D 203 2.51 1.72 23.60
N LEU E 2 -4.03 52.11 70.26
CA LEU E 2 -4.85 51.89 69.08
C LEU E 2 -4.03 52.12 67.81
N THR E 3 -3.16 53.14 67.86
CA THR E 3 -2.20 53.33 66.78
C THR E 3 -1.24 52.14 66.67
N GLU E 4 -1.09 51.37 67.74
CA GLU E 4 -0.26 50.16 67.67
C GLU E 4 -0.98 49.07 66.88
N ILE E 5 -2.22 48.78 67.25
CA ILE E 5 -3.00 47.79 66.50
C ILE E 5 -3.22 48.25 65.07
N GLU E 6 -3.59 49.52 64.89
CA GLU E 6 -3.92 50.02 63.56
C GLU E 6 -2.71 50.04 62.64
N HIS E 7 -1.50 50.19 63.21
CA HIS E 7 -0.29 50.07 62.39
C HIS E 7 0.01 48.62 62.04
N LEU E 8 -0.35 47.68 62.92
CA LEU E 8 -0.21 46.27 62.58
C LEU E 8 -1.16 45.87 61.47
N VAL E 9 -2.39 46.38 61.50
CA VAL E 9 -3.32 46.15 60.41
C VAL E 9 -2.75 46.72 59.10
N GLN E 10 -2.08 47.88 59.20
CA GLN E 10 -1.53 48.51 58.01
C GLN E 10 -0.38 47.69 57.43
N SER E 11 0.57 47.29 58.29
CA SER E 11 1.74 46.58 57.79
C SER E 11 1.39 45.17 57.33
N VAL E 12 0.33 44.58 57.88
CA VAL E 12 -0.11 43.27 57.40
C VAL E 12 -0.76 43.39 56.03
N CYS E 13 -1.61 44.40 55.85
CA CYS E 13 -2.22 44.63 54.54
C CYS E 13 -1.17 45.01 53.50
N LYS E 14 -0.29 45.95 53.84
CA LYS E 14 0.78 46.33 52.91
C LYS E 14 1.63 45.13 52.55
N SER E 15 1.97 44.30 53.54
CA SER E 15 2.73 43.08 53.25
C SER E 15 1.96 42.16 52.30
N TYR E 16 0.65 42.03 52.51
CA TYR E 16 -0.15 41.22 51.61
C TYR E 16 -0.17 41.81 50.20
N ARG E 17 -0.39 43.12 50.11
CA ARG E 17 -0.38 43.78 48.80
C ARG E 17 0.90 43.49 48.04
N GLU E 18 2.04 43.55 48.72
CA GLU E 18 3.34 43.36 48.08
C GLU E 18 3.63 41.91 47.74
N THR E 19 2.79 40.96 48.16
CA THR E 19 3.07 39.55 47.93
C THR E 19 1.84 38.77 47.46
N CYS E 20 0.80 39.45 46.99
CA CYS E 20 -0.41 38.75 46.55
C CYS E 20 -0.21 37.96 45.27
N GLN E 21 0.96 38.05 44.63
CA GLN E 21 1.24 37.32 43.39
C GLN E 21 0.38 37.85 42.26
N LEU E 22 -0.91 37.51 42.26
CA LEU E 22 -1.86 37.98 41.27
C LEU E 22 -2.74 39.05 41.91
N ARG E 23 -2.68 40.27 41.38
CA ARG E 23 -3.56 41.34 41.84
C ARG E 23 -5.01 40.95 41.61
N LEU E 24 -5.89 41.40 42.51
CA LEU E 24 -7.31 41.07 42.39
C LEU E 24 -7.92 41.69 41.13
N GLU E 25 -7.62 42.96 40.88
CA GLU E 25 -8.19 43.63 39.72
C GLU E 25 -7.87 42.90 38.43
N ASP E 26 -6.69 42.30 38.35
CA ASP E 26 -6.33 41.56 37.13
C ASP E 26 -7.14 40.28 36.99
N LEU E 27 -7.44 39.61 38.11
CA LEU E 27 -8.26 38.41 38.05
C LEU E 27 -9.69 38.74 37.66
N LEU E 28 -10.23 39.84 38.18
CA LEU E 28 -11.60 40.22 37.84
C LEU E 28 -11.73 40.65 36.38
N ARG E 29 -10.77 41.43 35.89
CA ARG E 29 -10.83 41.90 34.51
C ARG E 29 -10.80 40.74 33.52
N GLN E 30 -10.30 39.57 33.93
CA GLN E 30 -10.19 38.41 33.06
C GLN E 30 -11.36 37.44 33.21
N ARG E 31 -12.35 37.76 34.04
CA ARG E 31 -13.42 36.80 34.29
C ARG E 31 -14.12 36.36 33.00
N SER E 32 -14.33 37.30 32.07
CA SER E 32 -15.01 36.97 30.82
C SER E 32 -14.17 36.14 29.87
N ASN E 33 -12.92 35.87 30.22
CA ASN E 33 -12.01 35.10 29.36
C ASN E 33 -12.06 33.64 29.78
N ILE E 34 -13.02 32.91 29.20
CA ILE E 34 -13.28 31.51 29.52
C ILE E 34 -12.66 30.63 28.44
N PHE E 35 -12.21 29.44 28.86
CA PHE E 35 -11.67 28.45 27.96
C PHE E 35 -12.76 27.86 27.07
N SER E 36 -12.33 27.39 25.90
CA SER E 36 -13.02 26.32 25.19
C SER E 36 -12.72 25.07 26.02
N ARG E 37 -13.33 23.90 25.82
CA ARG E 37 -14.07 23.41 24.64
C ARG E 37 -13.27 23.45 23.34
N GLU E 38 -12.19 22.67 23.31
CA GLU E 38 -11.03 22.82 22.44
C GLU E 38 -9.79 22.93 23.32
N GLU E 39 -9.74 24.04 24.08
CA GLU E 39 -8.71 24.18 25.12
C GLU E 39 -9.01 23.27 26.31
N VAL E 40 -10.30 23.09 26.64
CA VAL E 40 -10.65 22.12 27.66
C VAL E 40 -10.27 20.71 27.22
N THR E 41 -10.67 20.34 26.00
CA THR E 41 -10.30 19.02 25.48
C THR E 41 -8.79 18.86 25.42
N GLY E 42 -8.08 19.93 25.06
CA GLY E 42 -6.62 19.87 25.11
C GLY E 42 -6.10 19.54 26.49
N TYR E 43 -6.71 20.13 27.52
CA TYR E 43 -6.33 19.80 28.89
C TYR E 43 -6.74 18.38 29.24
N GLN E 44 -7.90 17.94 28.77
CA GLN E 44 -8.36 16.59 29.07
C GLN E 44 -7.60 15.51 28.31
N ARG E 45 -6.98 15.86 27.18
CA ARG E 45 -6.20 14.89 26.43
C ARG E 45 -4.78 14.73 26.96
N LYS E 46 -4.31 15.64 27.80
CA LYS E 46 -2.97 15.54 28.35
C LYS E 46 -2.81 14.24 29.14
N SER E 47 -1.58 13.95 29.52
CA SER E 47 -1.26 12.75 30.28
C SER E 47 -1.43 13.00 31.77
N MET E 48 -1.57 11.90 32.53
CA MET E 48 -1.70 12.03 33.98
C MET E 48 -0.50 12.73 34.57
N TRP E 49 0.69 12.50 34.03
CA TRP E 49 1.89 13.12 34.58
C TRP E 49 1.99 14.59 34.19
N GLU E 50 1.51 14.95 33.00
CA GLU E 50 1.59 16.34 32.56
C GLU E 50 0.73 17.24 33.43
N MET E 51 -0.48 16.79 33.78
CA MET E 51 -1.35 17.62 34.62
C MET E 51 -0.86 17.65 36.05
N TRP E 52 -0.54 16.49 36.63
CA TRP E 52 0.05 16.45 37.96
C TRP E 52 1.27 17.35 38.04
N GLU E 53 2.11 17.32 37.00
CA GLU E 53 3.31 18.16 37.00
C GLU E 53 2.94 19.63 36.89
N ARG E 54 1.97 19.97 36.04
CA ARG E 54 1.52 21.36 35.94
C ARG E 54 1.09 21.89 37.30
N CYS E 55 0.08 21.26 37.90
CA CYS E 55 -0.43 21.73 39.19
C CYS E 55 0.68 21.81 40.23
N ALA E 56 1.54 20.79 40.27
CA ALA E 56 2.62 20.79 41.25
C ALA E 56 3.50 22.03 41.12
N HIS E 57 3.81 22.43 39.88
CA HIS E 57 4.63 23.62 39.67
C HIS E 57 3.91 24.87 40.14
N HIS E 58 2.65 25.04 39.75
CA HIS E 58 1.92 26.26 40.11
C HIS E 58 1.82 26.41 41.62
N LEU E 59 1.53 25.33 42.34
CA LEU E 59 1.42 25.42 43.79
C LEU E 59 2.76 25.76 44.42
N THR E 60 3.82 25.02 44.07
CA THR E 60 5.13 25.30 44.62
C THR E 60 5.50 26.76 44.42
N GLU E 61 5.14 27.34 43.28
CA GLU E 61 5.42 28.75 43.04
C GLU E 61 4.56 29.63 43.92
N ALA E 62 3.30 29.22 44.15
CA ALA E 62 2.43 29.99 45.04
C ALA E 62 2.93 29.96 46.48
N ILE E 63 3.48 28.82 46.91
CA ILE E 63 4.02 28.71 48.27
C ILE E 63 5.13 29.74 48.48
N GLN E 64 5.98 29.93 47.47
CA GLN E 64 7.07 30.89 47.61
C GLN E 64 6.53 32.28 47.97
N TYR E 65 5.48 32.72 47.30
CA TYR E 65 4.87 34.00 47.65
C TYR E 65 4.37 34.00 49.09
N VAL E 66 3.82 32.88 49.54
CA VAL E 66 3.37 32.77 50.93
C VAL E 66 4.56 32.87 51.87
N VAL E 67 5.70 32.32 51.46
CA VAL E 67 6.92 32.44 52.27
C VAL E 67 7.27 33.92 52.44
N GLU E 68 7.17 34.70 51.38
CA GLU E 68 7.46 36.13 51.47
C GLU E 68 6.46 36.85 52.37
N PHE E 69 5.18 36.48 52.27
CA PHE E 69 4.18 37.07 53.16
C PHE E 69 4.54 36.85 54.62
N ALA E 70 5.05 35.66 54.94
CA ALA E 70 5.46 35.38 56.31
C ALA E 70 6.70 36.19 56.70
N LYS E 71 7.66 36.31 55.77
CA LYS E 71 8.88 37.05 56.06
C LYS E 71 8.59 38.48 56.49
N ARG E 72 7.56 39.10 55.92
CA ARG E 72 7.27 40.50 56.16
C ARG E 72 6.25 40.73 57.28
N LEU E 73 5.76 39.67 57.90
CA LEU E 73 4.97 39.81 59.11
C LEU E 73 5.85 40.34 60.22
N SER E 74 5.46 41.47 60.82
CA SER E 74 6.22 42.02 61.93
C SER E 74 6.29 41.01 63.08
N GLY E 75 7.50 40.54 63.36
CA GLY E 75 7.74 39.58 64.43
C GLY E 75 8.08 38.19 63.95
N PHE E 76 7.60 37.81 62.75
CA PHE E 76 7.84 36.46 62.26
C PHE E 76 9.32 36.19 62.10
N MET E 77 10.06 37.15 61.53
CA MET E 77 11.50 36.98 61.38
C MET E 77 12.21 36.86 62.72
N GLU E 78 11.64 37.47 63.77
CA GLU E 78 12.28 37.41 65.09
C GLU E 78 12.14 36.02 65.71
N LEU E 79 11.11 35.27 65.36
CA LEU E 79 10.95 33.93 65.88
C LEU E 79 12.13 33.05 65.45
N CYS E 80 12.35 31.99 66.22
CA CYS E 80 13.49 31.13 65.95
C CYS E 80 13.33 30.41 64.61
N GLN E 81 14.45 29.98 64.05
CA GLN E 81 14.44 29.37 62.72
C GLN E 81 13.52 28.15 62.68
N ASN E 82 13.65 27.25 63.67
CA ASN E 82 12.82 26.05 63.66
C ASN E 82 11.34 26.40 63.68
N ASP E 83 10.94 27.36 64.53
CA ASP E 83 9.54 27.76 64.58
C ASP E 83 9.10 28.37 63.25
N GLN E 84 10.00 29.04 62.53
CA GLN E 84 9.65 29.57 61.22
C GLN E 84 9.37 28.43 60.23
N ILE E 85 10.15 27.35 60.31
CA ILE E 85 9.95 26.24 59.39
C ILE E 85 8.65 25.50 59.69
N VAL E 86 8.36 25.28 60.98
CA VAL E 86 7.16 24.53 61.36
C VAL E 86 5.91 25.30 60.99
N LEU E 87 5.88 26.59 61.31
CA LEU E 87 4.71 27.41 60.95
C LEU E 87 4.48 27.39 59.45
N LEU E 88 5.54 27.56 58.67
CA LEU E 88 5.39 27.62 57.21
C LEU E 88 4.98 26.25 56.65
N LYS E 89 5.65 25.19 57.09
CA LYS E 89 5.28 23.87 56.57
C LYS E 89 3.87 23.49 56.98
N ALA E 90 3.35 24.05 58.07
CA ALA E 90 2.04 23.66 58.56
C ALA E 90 0.92 24.46 57.89
N GLY E 91 1.17 25.73 57.57
CA GLY E 91 0.10 26.60 57.12
C GLY E 91 0.31 27.28 55.78
N ALA E 92 1.49 27.16 55.20
CA ALA E 92 1.76 27.86 53.94
C ALA E 92 0.77 27.44 52.86
N MET E 93 0.51 26.13 52.74
CA MET E 93 -0.46 25.68 51.73
C MET E 93 -1.89 26.01 52.15
N GLU E 94 -2.17 26.06 53.45
CA GLU E 94 -3.47 26.52 53.90
C GLU E 94 -3.75 27.93 53.42
N VAL E 95 -2.72 28.79 53.42
CA VAL E 95 -2.88 30.14 52.92
C VAL E 95 -2.95 30.17 51.40
N VAL E 96 -2.28 29.24 50.72
CA VAL E 96 -2.37 29.15 49.27
C VAL E 96 -3.81 28.85 48.85
N LEU E 97 -4.43 27.87 49.51
CA LEU E 97 -5.80 27.50 49.15
C LEU E 97 -6.78 28.62 49.48
N VAL E 98 -6.54 29.36 50.57
CA VAL E 98 -7.37 30.51 50.87
C VAL E 98 -7.23 31.57 49.78
N ARG E 99 -5.99 31.94 49.45
CA ARG E 99 -5.76 32.86 48.33
C ARG E 99 -6.40 32.35 47.05
N MET E 100 -6.57 31.03 46.92
CA MET E 100 -7.09 30.46 45.68
C MET E 100 -8.51 30.94 45.39
N CYS E 101 -9.28 31.28 46.43
CA CYS E 101 -10.65 31.75 46.20
C CYS E 101 -10.70 33.06 45.45
N ARG E 102 -9.63 33.86 45.50
CA ARG E 102 -9.59 35.10 44.72
C ARG E 102 -9.72 34.81 43.23
N ALA E 103 -9.21 33.66 42.77
CA ALA E 103 -9.28 33.27 41.38
C ALA E 103 -10.55 32.51 41.03
N TYR E 104 -11.51 32.43 41.95
CA TYR E 104 -12.74 31.67 41.75
C TYR E 104 -13.91 32.63 41.51
N ASN E 105 -14.71 32.33 40.50
CA ASN E 105 -15.90 33.12 40.18
C ASN E 105 -17.12 32.27 40.48
N ALA E 106 -17.89 32.68 41.50
CA ALA E 106 -19.05 31.91 41.92
C ALA E 106 -20.25 32.08 41.00
N ASP E 107 -20.30 33.17 40.23
CA ASP E 107 -21.43 33.38 39.32
C ASP E 107 -21.51 32.27 38.29
N ASN E 108 -20.36 31.77 37.82
CA ASN E 108 -20.33 30.69 36.86
C ASN E 108 -19.54 29.47 37.32
N ARG E 109 -18.98 29.49 38.53
CA ARG E 109 -18.28 28.33 39.09
C ARG E 109 -17.03 27.98 38.26
N THR E 110 -16.22 28.99 37.97
CA THR E 110 -14.98 28.80 37.26
C THR E 110 -13.81 29.34 38.08
N VAL E 111 -12.61 28.90 37.72
CA VAL E 111 -11.39 29.31 38.40
C VAL E 111 -10.34 29.70 37.36
N PHE E 112 -9.52 30.67 37.72
CA PHE E 112 -8.47 31.16 36.84
C PHE E 112 -7.30 30.16 36.84
N PHE E 113 -6.93 29.68 35.66
CA PHE E 113 -5.85 28.71 35.53
C PHE E 113 -5.13 28.93 34.22
N GLU E 114 -3.88 29.38 34.29
CA GLU E 114 -3.00 29.51 33.12
C GLU E 114 -3.62 30.39 32.04
N GLY E 115 -4.15 31.54 32.45
CA GLY E 115 -4.55 32.60 31.55
C GLY E 115 -6.05 32.78 31.40
N LYS E 116 -6.86 31.75 31.67
CA LYS E 116 -8.29 31.84 31.44
C LYS E 116 -9.04 31.14 32.57
N TYR E 117 -10.36 31.25 32.52
CA TYR E 117 -11.24 30.67 33.53
C TYR E 117 -11.83 29.36 33.02
N GLY E 118 -11.79 28.34 33.86
CA GLY E 118 -12.34 27.04 33.49
C GLY E 118 -12.93 26.35 34.70
N GLY E 119 -13.81 25.39 34.41
CA GLY E 119 -14.46 24.62 35.43
C GLY E 119 -13.63 23.45 35.90
N MET E 120 -14.26 22.59 36.70
CA MET E 120 -13.57 21.43 37.23
C MET E 120 -13.19 20.42 36.16
N GLU E 121 -13.90 20.41 35.02
CA GLU E 121 -13.52 19.49 33.95
C GLU E 121 -12.12 19.77 33.42
N LEU E 122 -11.61 20.99 33.61
CA LEU E 122 -10.29 21.34 33.12
C LEU E 122 -9.21 20.38 33.63
N PHE E 123 -9.45 19.73 34.76
CA PHE E 123 -8.45 18.92 35.44
C PHE E 123 -8.77 17.42 35.40
N ARG E 124 -9.65 16.99 34.49
CA ARG E 124 -10.05 15.59 34.48
C ARG E 124 -8.86 14.65 34.29
N ALA E 125 -7.82 15.10 33.58
CA ALA E 125 -6.65 14.25 33.34
C ALA E 125 -5.90 13.92 34.63
N LEU E 126 -6.07 14.71 35.69
CA LEU E 126 -5.38 14.43 36.94
C LEU E 126 -5.77 13.07 37.51
N GLY E 127 -7.05 12.72 37.45
CA GLY E 127 -7.53 11.57 38.17
C GLY E 127 -7.72 11.82 39.65
N CYS E 128 -8.03 13.06 40.03
CA CYS E 128 -8.25 13.45 41.42
C CYS E 128 -9.54 14.24 41.52
N SER E 129 -10.64 13.62 41.06
CA SER E 129 -11.91 14.33 40.99
C SER E 129 -12.42 14.72 42.38
N GLU E 130 -12.31 13.81 43.35
CA GLU E 130 -12.75 14.14 44.70
C GLU E 130 -11.95 15.29 45.29
N LEU E 131 -10.63 15.22 45.16
CA LEU E 131 -9.76 16.31 45.58
C LEU E 131 -10.18 17.62 44.93
N ILE E 132 -10.06 17.69 43.60
CA ILE E 132 -10.43 18.89 42.86
C ILE E 132 -11.81 19.38 43.29
N SER E 133 -12.78 18.46 43.38
CA SER E 133 -14.10 18.81 43.86
C SER E 133 -14.02 19.52 45.20
N SER E 134 -13.12 19.07 46.08
CA SER E 134 -12.94 19.73 47.37
C SER E 134 -12.49 21.17 47.19
N ILE E 135 -11.50 21.40 46.31
CA ILE E 135 -10.98 22.74 46.13
C ILE E 135 -12.09 23.67 45.64
N PHE E 136 -12.83 23.25 44.62
CA PHE E 136 -13.95 24.06 44.12
C PHE E 136 -14.97 24.30 45.22
N ASP E 137 -15.35 23.25 45.94
CA ASP E 137 -16.34 23.39 47.00
C ASP E 137 -15.85 24.30 48.10
N PHE E 138 -14.59 24.15 48.51
CA PHE E 138 -14.03 25.03 49.54
C PHE E 138 -13.97 26.47 49.05
N SER E 139 -13.56 26.69 47.80
CA SER E 139 -13.51 28.04 47.26
C SER E 139 -14.91 28.64 47.13
N HIS E 140 -15.90 27.80 46.78
CA HIS E 140 -17.26 28.30 46.66
C HIS E 140 -17.83 28.72 48.01
N SER E 141 -17.57 27.93 49.06
CA SER E 141 -18.01 28.30 50.39
C SER E 141 -17.30 29.56 50.89
N LEU E 142 -16.02 29.71 50.55
CA LEU E 142 -15.27 30.89 50.97
C LEU E 142 -15.67 32.12 50.18
N SER E 143 -16.01 31.96 48.90
CA SER E 143 -16.44 33.10 48.11
C SER E 143 -17.69 33.75 48.70
N ALA E 144 -18.57 32.96 49.31
CA ALA E 144 -19.78 33.51 49.90
C ALA E 144 -19.49 34.45 51.05
N LEU E 145 -18.25 34.51 51.53
CA LEU E 145 -17.88 35.49 52.55
C LEU E 145 -17.57 36.85 51.94
N HIS E 146 -17.31 36.91 50.64
CA HIS E 146 -16.96 38.15 49.95
C HIS E 146 -15.82 38.86 50.66
N PHE E 147 -14.71 38.12 50.80
CA PHE E 147 -13.52 38.66 51.45
C PHE E 147 -13.03 39.90 50.70
N SER E 148 -12.74 40.95 51.46
CA SER E 148 -11.94 42.04 50.92
C SER E 148 -10.47 41.63 50.93
N GLU E 149 -9.65 42.36 50.18
CA GLU E 149 -8.23 42.08 50.17
C GLU E 149 -7.62 42.33 51.55
N ASP E 150 -8.11 43.35 52.26
CA ASP E 150 -7.65 43.59 53.62
C ASP E 150 -8.07 42.45 54.55
N GLU E 151 -9.26 41.87 54.34
CA GLU E 151 -9.70 40.76 55.18
C GLU E 151 -8.90 39.50 54.88
N ILE E 152 -8.54 39.28 53.62
CA ILE E 152 -7.69 38.14 53.29
C ILE E 152 -6.29 38.32 53.86
N ALA E 153 -5.81 39.57 53.92
CA ALA E 153 -4.49 39.82 54.49
C ALA E 153 -4.45 39.45 55.96
N LEU E 154 -5.45 39.90 56.73
CA LEU E 154 -5.47 39.62 58.16
C LEU E 154 -5.81 38.15 58.43
N TYR E 155 -6.76 37.59 57.67
CA TYR E 155 -7.16 36.21 57.91
C TYR E 155 -6.04 35.23 57.57
N THR E 156 -5.35 35.45 56.45
CA THR E 156 -4.26 34.55 56.08
C THR E 156 -3.12 34.63 57.08
N ALA E 157 -2.83 35.83 57.58
CA ALA E 157 -1.81 35.97 58.61
C ALA E 157 -2.17 35.20 59.86
N LEU E 158 -3.47 35.09 60.17
CA LEU E 158 -3.89 34.30 61.32
C LEU E 158 -3.73 32.80 61.05
N VAL E 159 -4.04 32.36 59.82
CA VAL E 159 -3.82 30.96 59.47
C VAL E 159 -2.37 30.58 59.66
N LEU E 160 -1.46 31.47 59.25
CA LEU E 160 -0.04 31.18 59.38
C LEU E 160 0.39 31.15 60.84
N ILE E 161 0.26 32.29 61.54
CA ILE E 161 0.68 32.40 62.93
C ILE E 161 -0.32 31.69 63.83
N ASN E 162 -0.07 30.43 64.11
CA ASN E 162 -0.94 29.61 64.96
C ASN E 162 -0.10 28.97 66.04
N ALA E 163 -0.37 29.33 67.30
CA ALA E 163 0.42 28.82 68.42
C ALA E 163 0.18 27.34 68.70
N HIS E 164 -0.87 26.75 68.12
CA HIS E 164 -1.22 25.37 68.40
C HIS E 164 -0.40 24.37 67.58
N ARG E 165 0.25 24.81 66.50
CA ARG E 165 0.96 23.89 65.63
C ARG E 165 1.90 23.01 66.45
N PRO E 166 2.05 21.73 66.09
CA PRO E 166 2.96 20.87 66.83
C PRO E 166 4.40 21.05 66.36
N GLY E 167 5.32 21.01 67.32
CA GLY E 167 6.72 21.26 67.06
C GLY E 167 7.19 22.66 67.42
N LEU E 168 6.28 23.56 67.78
CA LEU E 168 6.66 24.90 68.19
C LEU E 168 7.37 24.85 69.53
N GLN E 169 8.61 25.32 69.57
CA GLN E 169 9.38 25.31 70.81
C GLN E 169 9.07 26.54 71.66
N GLU E 170 9.09 27.72 71.06
CA GLU E 170 8.83 28.97 71.79
C GLU E 170 7.38 29.41 71.55
N LYS E 171 6.46 28.67 72.16
CA LYS E 171 5.03 28.92 71.93
C LYS E 171 4.64 30.32 72.37
N ARG E 172 5.10 30.76 73.54
CA ARG E 172 4.62 32.02 74.10
C ARG E 172 4.96 33.21 73.23
N LYS E 173 6.08 33.15 72.50
CA LYS E 173 6.40 34.24 71.57
C LYS E 173 5.60 34.15 70.29
N VAL E 174 5.03 32.99 69.97
CA VAL E 174 4.03 32.91 68.91
C VAL E 174 2.66 33.33 69.43
N GLU E 175 2.36 33.01 70.69
CA GLU E 175 1.10 33.44 71.28
C GLU E 175 0.97 34.96 71.25
N GLN E 176 2.04 35.66 71.63
CA GLN E 176 2.01 37.12 71.60
C GLN E 176 1.75 37.64 70.20
N LEU E 177 2.54 37.19 69.23
CA LEU E 177 2.34 37.65 67.85
C LEU E 177 0.97 37.26 67.32
N GLN E 178 0.39 36.16 67.83
CA GLN E 178 -0.91 35.72 67.38
C GLN E 178 -2.03 36.59 67.95
N TYR E 179 -2.01 36.82 69.28
CA TYR E 179 -3.04 37.64 69.89
C TYR E 179 -3.13 39.01 69.24
N ASN E 180 -1.98 39.64 68.98
CA ASN E 180 -1.98 40.94 68.31
C ASN E 180 -2.68 40.85 66.96
N LEU E 181 -2.49 39.74 66.25
CA LEU E 181 -3.12 39.59 64.93
C LEU E 181 -4.62 39.35 65.05
N GLU E 182 -5.04 38.49 65.99
CA GLU E 182 -6.46 38.28 66.20
C GLU E 182 -7.15 39.58 66.59
N LEU E 183 -6.53 40.36 67.49
CA LEU E 183 -7.10 41.63 67.88
C LEU E 183 -7.11 42.62 66.71
N ALA E 184 -6.04 42.64 65.92
CA ALA E 184 -6.05 43.43 64.70
C ALA E 184 -7.18 42.99 63.77
N PHE E 185 -7.37 41.68 63.64
CA PHE E 185 -8.49 41.17 62.85
C PHE E 185 -9.81 41.75 63.34
N HIS E 186 -10.01 41.76 64.66
CA HIS E 186 -11.28 42.26 65.21
C HIS E 186 -11.42 43.76 65.00
N HIS E 187 -10.34 44.51 65.26
CA HIS E 187 -10.41 45.97 65.12
C HIS E 187 -10.85 46.35 63.71
N HIS E 188 -10.21 45.77 62.70
CA HIS E 188 -10.54 46.12 61.32
C HIS E 188 -11.95 45.71 60.96
N LEU E 189 -12.38 44.53 61.39
CA LEU E 189 -13.74 44.08 61.09
C LEU E 189 -14.78 44.96 61.75
N HIS E 190 -14.53 45.39 63.00
CA HIS E 190 -15.50 46.21 63.70
C HIS E 190 -15.59 47.61 63.07
N LYS E 191 -14.45 48.21 62.75
CA LYS E 191 -14.44 49.52 62.13
C LYS E 191 -15.04 49.51 60.73
N THR E 192 -15.27 48.33 60.14
CA THR E 192 -15.87 48.20 58.83
C THR E 192 -17.21 47.48 58.88
N HIS E 193 -17.77 47.29 60.08
CA HIS E 193 -19.09 46.67 60.24
C HIS E 193 -19.12 45.28 59.61
N ARG E 194 -17.99 44.57 59.70
CA ARG E 194 -17.86 43.24 59.11
C ARG E 194 -17.61 42.16 60.15
N GLN E 195 -17.99 42.40 61.40
CA GLN E 195 -17.79 41.39 62.44
C GLN E 195 -18.69 40.18 62.27
N SER E 196 -19.70 40.25 61.40
CA SER E 196 -20.63 39.14 61.24
C SER E 196 -20.03 37.95 60.50
N ILE E 197 -18.88 38.12 59.84
CA ILE E 197 -18.27 37.01 59.12
C ILE E 197 -17.45 36.10 60.00
N LEU E 198 -17.19 36.48 61.26
CA LEU E 198 -16.39 35.64 62.14
C LEU E 198 -17.10 34.31 62.40
N ALA E 199 -18.39 34.36 62.71
CA ALA E 199 -19.16 33.14 62.93
C ALA E 199 -19.33 32.32 61.66
N LYS E 200 -18.85 32.80 60.51
CA LYS E 200 -18.99 32.10 59.25
C LYS E 200 -17.69 31.53 58.72
N LEU E 201 -16.55 31.90 59.31
CA LEU E 201 -15.26 31.40 58.84
C LEU E 201 -15.21 29.87 58.94
N PRO E 202 -14.37 29.24 58.13
CA PRO E 202 -14.21 27.79 58.21
C PRO E 202 -13.40 27.40 59.44
N PRO E 203 -13.70 26.25 60.04
CA PRO E 203 -12.95 25.83 61.23
C PRO E 203 -11.47 25.66 60.92
N LYS E 204 -10.67 25.68 61.99
CA LYS E 204 -9.23 25.49 61.83
C LYS E 204 -8.92 24.15 61.18
N GLY E 205 -9.71 23.12 61.48
CA GLY E 205 -9.41 21.80 60.95
C GLY E 205 -9.73 21.67 59.48
N LYS E 206 -10.90 22.19 59.07
CA LYS E 206 -11.32 22.05 57.67
C LYS E 206 -10.26 22.59 56.72
N LEU E 207 -9.56 23.65 57.11
CA LEU E 207 -8.55 24.24 56.26
C LEU E 207 -7.32 23.35 56.15
N LEU F 2 4.19 -44.65 -49.27
CA LEU F 2 3.47 -45.24 -48.14
C LEU F 2 4.12 -44.82 -46.83
N THR F 3 5.46 -44.81 -46.81
CA THR F 3 6.17 -44.27 -45.66
C THR F 3 5.87 -42.79 -45.46
N GLU F 4 5.36 -42.11 -46.49
CA GLU F 4 4.93 -40.73 -46.33
C GLU F 4 3.61 -40.65 -45.57
N ILE F 5 2.59 -41.39 -46.05
CA ILE F 5 1.32 -41.42 -45.35
C ILE F 5 1.48 -42.00 -43.95
N GLU F 6 2.22 -43.11 -43.85
CA GLU F 6 2.35 -43.78 -42.56
C GLU F 6 3.11 -42.92 -41.55
N HIS F 7 3.98 -42.03 -42.02
CA HIS F 7 4.61 -41.07 -41.12
C HIS F 7 3.63 -39.97 -40.72
N LEU F 8 2.73 -39.58 -41.61
CA LEU F 8 1.70 -38.62 -41.26
C LEU F 8 0.76 -39.20 -40.21
N VAL F 9 0.35 -40.45 -40.38
CA VAL F 9 -0.48 -41.11 -39.38
C VAL F 9 0.25 -41.17 -38.04
N GLN F 10 1.57 -41.35 -38.08
CA GLN F 10 2.35 -41.46 -36.85
C GLN F 10 2.44 -40.12 -36.14
N SER F 11 2.76 -39.05 -36.87
CA SER F 11 2.91 -37.73 -36.26
C SER F 11 1.56 -37.16 -35.83
N VAL F 12 0.46 -37.57 -36.46
CA VAL F 12 -0.86 -37.13 -36.03
C VAL F 12 -1.23 -37.81 -34.71
N CYS F 13 -1.00 -39.12 -34.62
CA CYS F 13 -1.30 -39.84 -33.39
C CYS F 13 -0.38 -39.38 -32.26
N LYS F 14 0.92 -39.25 -32.54
CA LYS F 14 1.85 -38.76 -31.54
C LYS F 14 1.47 -37.36 -31.08
N SER F 15 1.07 -36.49 -32.01
CA SER F 15 0.61 -35.16 -31.64
C SER F 15 -0.62 -35.23 -30.76
N TYR F 16 -1.55 -36.12 -31.09
CA TYR F 16 -2.73 -36.33 -30.23
C TYR F 16 -2.31 -36.85 -28.86
N ARG F 17 -1.44 -37.85 -28.84
CA ARG F 17 -0.91 -38.35 -27.57
C ARG F 17 -0.46 -37.20 -26.67
N GLU F 18 0.36 -36.30 -27.21
CA GLU F 18 0.96 -35.24 -26.41
C GLU F 18 -0.01 -34.12 -26.06
N THR F 19 -1.25 -34.17 -26.55
CA THR F 19 -2.20 -33.08 -26.30
C THR F 19 -3.59 -33.59 -25.94
N CYS F 20 -3.73 -34.87 -25.57
CA CYS F 20 -5.04 -35.40 -25.23
C CYS F 20 -5.60 -34.84 -23.93
N GLN F 21 -4.81 -34.05 -23.19
CA GLN F 21 -5.27 -33.47 -21.93
C GLN F 21 -5.46 -34.55 -20.87
N LEU F 22 -6.52 -35.34 -21.00
CA LEU F 22 -6.80 -36.45 -20.10
C LEU F 22 -6.51 -37.75 -20.83
N ARG F 23 -5.64 -38.58 -20.26
CA ARG F 23 -5.33 -39.87 -20.86
C ARG F 23 -6.54 -40.80 -20.74
N LEU F 24 -6.73 -41.63 -21.77
CA LEU F 24 -7.87 -42.54 -21.77
C LEU F 24 -7.83 -43.48 -20.57
N GLU F 25 -6.66 -44.08 -20.32
CA GLU F 25 -6.55 -45.04 -19.24
C GLU F 25 -6.93 -44.43 -17.89
N ASP F 26 -6.65 -43.14 -17.70
CA ASP F 26 -7.02 -42.50 -16.44
C ASP F 26 -8.54 -42.34 -16.32
N LEU F 27 -9.22 -42.05 -17.43
CA LEU F 27 -10.67 -41.91 -17.39
C LEU F 27 -11.34 -43.25 -17.16
N LEU F 28 -10.80 -44.32 -17.73
CA LEU F 28 -11.41 -45.64 -17.52
C LEU F 28 -11.23 -46.12 -16.09
N ARG F 29 -10.04 -45.90 -15.51
CA ARG F 29 -9.80 -46.33 -14.14
C ARG F 29 -10.72 -45.64 -13.15
N GLN F 30 -11.28 -44.48 -13.51
CA GLN F 30 -12.14 -43.72 -12.62
C GLN F 30 -13.62 -43.99 -12.86
N ARG F 31 -13.96 -44.89 -13.77
CA ARG F 31 -15.37 -45.08 -14.13
C ARG F 31 -16.22 -45.48 -12.92
N SER F 32 -15.63 -46.21 -11.97
CA SER F 32 -16.38 -46.63 -10.79
C SER F 32 -16.52 -45.53 -9.75
N ASN F 33 -15.92 -44.36 -9.99
CA ASN F 33 -15.97 -43.25 -9.05
C ASN F 33 -17.11 -42.33 -9.46
N ILE F 34 -18.31 -42.63 -8.95
CA ILE F 34 -19.54 -41.92 -9.31
C ILE F 34 -19.83 -40.85 -8.27
N PHE F 35 -20.33 -39.71 -8.74
CA PHE F 35 -20.77 -38.67 -7.82
C PHE F 35 -21.89 -39.19 -6.92
N SER F 36 -21.80 -38.87 -5.63
CA SER F 36 -22.86 -39.25 -4.70
C SER F 36 -24.04 -38.31 -4.82
N ARG F 37 -25.13 -38.65 -4.14
CA ARG F 37 -26.31 -37.79 -4.15
C ARG F 37 -26.00 -36.45 -3.51
N GLU F 38 -25.29 -36.45 -2.38
CA GLU F 38 -24.91 -35.20 -1.73
C GLU F 38 -24.16 -34.29 -2.69
N GLU F 39 -23.23 -34.87 -3.47
CA GLU F 39 -22.43 -34.07 -4.39
C GLU F 39 -23.25 -33.57 -5.57
N VAL F 40 -24.23 -34.36 -6.03
CA VAL F 40 -25.10 -33.88 -7.10
C VAL F 40 -25.95 -32.72 -6.63
N THR F 41 -26.50 -32.81 -5.41
CA THR F 41 -27.29 -31.70 -4.88
C THR F 41 -26.45 -30.42 -4.77
N GLY F 42 -25.18 -30.56 -4.38
CA GLY F 42 -24.31 -29.40 -4.33
C GLY F 42 -24.20 -28.71 -5.66
N TYR F 43 -24.06 -29.49 -6.75
CA TYR F 43 -24.03 -28.90 -8.08
C TYR F 43 -25.39 -28.28 -8.44
N GLN F 44 -26.48 -28.94 -8.04
CA GLN F 44 -27.81 -28.44 -8.37
C GLN F 44 -28.15 -27.18 -7.59
N ARG F 45 -27.58 -27.01 -6.40
CA ARG F 45 -27.86 -25.83 -5.59
C ARG F 45 -27.06 -24.61 -6.04
N LYS F 46 -26.04 -24.78 -6.86
CA LYS F 46 -25.27 -23.64 -7.33
C LYS F 46 -26.16 -22.68 -8.12
N SER F 47 -25.61 -21.50 -8.40
CA SER F 47 -26.34 -20.48 -9.14
C SER F 47 -26.17 -20.69 -10.64
N MET F 48 -27.09 -20.09 -11.41
CA MET F 48 -27.01 -20.18 -12.86
C MET F 48 -25.69 -19.62 -13.37
N TRP F 49 -25.18 -18.57 -12.74
CA TRP F 49 -23.93 -17.98 -13.22
C TRP F 49 -22.74 -18.82 -12.83
N GLU F 50 -22.80 -19.49 -11.68
CA GLU F 50 -21.67 -20.28 -11.23
C GLU F 50 -21.45 -21.51 -12.12
N MET F 51 -22.52 -22.18 -12.54
CA MET F 51 -22.39 -23.32 -13.42
C MET F 51 -22.01 -22.89 -14.84
N TRP F 52 -22.71 -21.89 -15.38
CA TRP F 52 -22.35 -21.33 -16.67
C TRP F 52 -20.88 -20.93 -16.71
N GLU F 53 -20.39 -20.34 -15.62
CA GLU F 53 -18.98 -19.95 -15.56
C GLU F 53 -18.09 -21.16 -15.36
N ARG F 54 -18.55 -22.14 -14.58
CA ARG F 54 -17.76 -23.35 -14.36
C ARG F 54 -17.58 -24.12 -15.66
N CYS F 55 -18.62 -24.20 -16.48
CA CYS F 55 -18.49 -24.92 -17.75
C CYS F 55 -17.65 -24.12 -18.75
N ALA F 56 -17.85 -22.79 -18.80
CA ALA F 56 -17.08 -21.97 -19.73
C ALA F 56 -15.58 -22.11 -19.48
N HIS F 57 -15.17 -22.18 -18.21
CA HIS F 57 -13.76 -22.36 -17.89
C HIS F 57 -13.23 -23.67 -18.46
N HIS F 58 -13.93 -24.78 -18.18
CA HIS F 58 -13.47 -26.09 -18.64
C HIS F 58 -13.36 -26.12 -20.16
N LEU F 59 -14.34 -25.56 -20.87
CA LEU F 59 -14.31 -25.62 -22.32
C LEU F 59 -13.19 -24.76 -22.89
N THR F 60 -13.01 -23.54 -22.37
CA THR F 60 -11.93 -22.70 -22.85
C THR F 60 -10.57 -23.34 -22.59
N GLU F 61 -10.44 -24.06 -21.48
CA GLU F 61 -9.19 -24.76 -21.20
C GLU F 61 -9.01 -25.94 -22.15
N ALA F 62 -10.09 -26.64 -22.47
CA ALA F 62 -10.00 -27.74 -23.43
C ALA F 62 -9.65 -27.22 -24.83
N ILE F 63 -10.13 -26.03 -25.18
CA ILE F 63 -9.79 -25.44 -26.47
C ILE F 63 -8.29 -25.25 -26.60
N GLN F 64 -7.64 -24.80 -25.52
CA GLN F 64 -6.20 -24.59 -25.55
C GLN F 64 -5.47 -25.86 -25.97
N TYR F 65 -5.82 -26.99 -25.36
CA TYR F 65 -5.24 -28.26 -25.78
C TYR F 65 -5.49 -28.52 -27.26
N VAL F 66 -6.68 -28.16 -27.75
CA VAL F 66 -6.96 -28.33 -29.18
C VAL F 66 -6.11 -27.37 -30.00
N VAL F 67 -5.82 -26.18 -29.47
CA VAL F 67 -4.91 -25.27 -30.16
C VAL F 67 -3.54 -25.93 -30.33
N GLU F 68 -3.06 -26.61 -29.29
CA GLU F 68 -1.77 -27.29 -29.37
C GLU F 68 -1.83 -28.44 -30.37
N PHE F 69 -2.92 -29.20 -30.37
CA PHE F 69 -3.08 -30.26 -31.36
C PHE F 69 -2.94 -29.71 -32.77
N ALA F 70 -3.53 -28.53 -33.03
CA ALA F 70 -3.40 -27.92 -34.35
C ALA F 70 -1.96 -27.48 -34.62
N LYS F 71 -1.29 -26.92 -33.61
CA LYS F 71 0.06 -26.43 -33.81
C LYS F 71 1.01 -27.52 -34.28
N ARG F 72 0.76 -28.77 -33.87
CA ARG F 72 1.68 -29.87 -34.13
C ARG F 72 1.26 -30.73 -35.31
N LEU F 73 0.14 -30.41 -35.95
CA LEU F 73 -0.19 -31.03 -37.23
C LEU F 73 0.77 -30.54 -38.30
N SER F 74 1.51 -31.46 -38.91
CA SER F 74 2.50 -31.09 -39.92
C SER F 74 1.82 -30.32 -41.05
N GLY F 75 2.22 -29.07 -41.23
CA GLY F 75 1.70 -28.20 -42.26
C GLY F 75 0.79 -27.11 -41.75
N PHE F 76 0.15 -27.32 -40.60
CA PHE F 76 -0.77 -26.32 -40.06
C PHE F 76 -0.05 -25.02 -39.76
N MET F 77 1.13 -25.11 -39.14
CA MET F 77 1.90 -23.90 -38.84
C MET F 77 2.32 -23.17 -40.11
N GLU F 78 2.47 -23.89 -41.22
CA GLU F 78 2.90 -23.26 -42.46
C GLU F 78 1.77 -22.44 -43.09
N LEU F 79 0.52 -22.79 -42.81
CA LEU F 79 -0.59 -22.01 -43.32
C LEU F 79 -0.55 -20.58 -42.77
N CYS F 80 -1.19 -19.67 -43.50
CA CYS F 80 -1.15 -18.27 -43.11
C CYS F 80 -1.86 -18.07 -41.78
N GLN F 81 -1.51 -16.97 -41.10
CA GLN F 81 -2.04 -16.71 -39.77
C GLN F 81 -3.56 -16.66 -39.78
N ASN F 82 -4.14 -15.91 -40.72
CA ASN F 82 -5.59 -15.78 -40.77
C ASN F 82 -6.25 -17.14 -40.94
N ASP F 83 -5.73 -17.97 -41.86
CA ASP F 83 -6.31 -19.29 -42.04
C ASP F 83 -6.19 -20.13 -40.78
N GLN F 84 -5.13 -19.94 -40.00
CA GLN F 84 -5.00 -20.66 -38.73
C GLN F 84 -6.09 -20.24 -37.75
N ILE F 85 -6.42 -18.95 -37.71
CA ILE F 85 -7.45 -18.47 -36.79
C ILE F 85 -8.82 -18.97 -37.20
N VAL F 86 -9.14 -18.92 -38.50
CA VAL F 86 -10.46 -19.33 -38.96
C VAL F 86 -10.67 -20.83 -38.74
N LEU F 87 -9.69 -21.64 -39.11
CA LEU F 87 -9.79 -23.08 -38.89
C LEU F 87 -10.03 -23.38 -37.41
N LEU F 88 -9.26 -22.73 -36.53
CA LEU F 88 -9.38 -23.00 -35.11
C LEU F 88 -10.71 -22.50 -34.56
N LYS F 89 -11.10 -21.28 -34.90
CA LYS F 89 -12.37 -20.77 -34.40
C LYS F 89 -13.55 -21.57 -34.95
N ALA F 90 -13.36 -22.22 -36.11
CA ALA F 90 -14.46 -22.93 -36.74
C ALA F 90 -14.62 -24.35 -36.20
N GLY F 91 -13.51 -25.02 -35.88
CA GLY F 91 -13.56 -26.42 -35.54
C GLY F 91 -12.96 -26.83 -34.20
N ALA F 92 -12.35 -25.88 -33.49
CA ALA F 92 -11.71 -26.22 -32.22
C ALA F 92 -12.71 -26.83 -31.24
N MET F 93 -13.88 -26.20 -31.10
CA MET F 93 -14.89 -26.74 -30.19
C MET F 93 -15.52 -28.02 -30.73
N GLU F 94 -15.60 -28.16 -32.06
CA GLU F 94 -16.05 -29.42 -32.63
C GLU F 94 -15.15 -30.57 -32.20
N VAL F 95 -13.85 -30.33 -32.12
CA VAL F 95 -12.93 -31.36 -31.66
C VAL F 95 -13.06 -31.56 -30.16
N VAL F 96 -13.37 -30.50 -29.42
CA VAL F 96 -13.55 -30.63 -27.97
C VAL F 96 -14.74 -31.55 -27.66
N LEU F 97 -15.84 -31.36 -28.38
CA LEU F 97 -17.02 -32.20 -28.15
C LEU F 97 -16.76 -33.64 -28.56
N VAL F 98 -16.00 -33.84 -29.64
CA VAL F 98 -15.62 -35.19 -30.04
C VAL F 98 -14.76 -35.83 -28.96
N ARG F 99 -13.78 -35.07 -28.45
CA ARG F 99 -12.93 -35.58 -27.37
C ARG F 99 -13.74 -35.92 -26.13
N MET F 100 -14.89 -35.24 -25.94
CA MET F 100 -15.67 -35.45 -24.73
C MET F 100 -16.21 -36.87 -24.62
N CYS F 101 -16.40 -37.56 -25.75
CA CYS F 101 -16.91 -38.92 -25.69
C CYS F 101 -15.96 -39.85 -24.96
N ARG F 102 -14.66 -39.52 -24.94
CA ARG F 102 -13.71 -40.31 -24.15
C ARG F 102 -14.09 -40.32 -22.68
N ALA F 103 -14.72 -39.25 -22.20
CA ALA F 103 -15.14 -39.13 -20.81
C ALA F 103 -16.55 -39.66 -20.57
N TYR F 104 -17.16 -40.30 -21.56
CA TYR F 104 -18.53 -40.78 -21.46
C TYR F 104 -18.54 -42.30 -21.35
N ASN F 105 -19.34 -42.81 -20.41
CA ASN F 105 -19.50 -44.24 -20.18
C ASN F 105 -20.90 -44.64 -20.60
N ALA F 106 -20.99 -45.42 -21.68
CA ALA F 106 -22.30 -45.81 -22.22
C ALA F 106 -22.96 -46.91 -21.41
N ASP F 107 -22.21 -47.65 -20.59
CA ASP F 107 -22.82 -48.71 -19.80
C ASP F 107 -23.80 -48.15 -18.79
N ASN F 108 -23.50 -46.99 -18.21
CA ASN F 108 -24.39 -46.34 -17.26
C ASN F 108 -24.80 -44.93 -17.66
N ARG F 109 -24.32 -44.42 -18.80
CA ARG F 109 -24.72 -43.11 -19.31
C ARG F 109 -24.27 -41.99 -18.37
N THR F 110 -22.99 -42.02 -18.00
CA THR F 110 -22.39 -40.98 -17.19
C THR F 110 -21.19 -40.38 -17.92
N VAL F 111 -20.75 -39.22 -17.43
CA VAL F 111 -19.64 -38.49 -18.03
C VAL F 111 -18.71 -38.03 -16.91
N PHE F 112 -17.41 -38.10 -17.17
CA PHE F 112 -16.43 -37.63 -16.21
C PHE F 112 -16.43 -36.11 -16.17
N PHE F 113 -16.45 -35.55 -14.96
CA PHE F 113 -16.53 -34.09 -14.82
C PHE F 113 -16.04 -33.73 -13.42
N GLU F 114 -14.90 -33.04 -13.35
CA GLU F 114 -14.36 -32.50 -12.10
C GLU F 114 -14.14 -33.61 -11.07
N GLY F 115 -13.55 -34.71 -11.53
CA GLY F 115 -13.04 -35.75 -10.66
C GLY F 115 -13.86 -37.02 -10.59
N LYS F 116 -15.15 -36.97 -10.96
CA LYS F 116 -16.01 -38.13 -10.82
C LYS F 116 -16.99 -38.20 -12.00
N TYR F 117 -17.73 -39.30 -12.04
CA TYR F 117 -18.71 -39.55 -13.09
C TYR F 117 -20.11 -39.19 -12.59
N GLY F 118 -20.85 -38.45 -13.41
CA GLY F 118 -22.22 -38.10 -13.08
C GLY F 118 -23.08 -37.99 -14.31
N GLY F 119 -24.39 -38.11 -14.10
CA GLY F 119 -25.36 -37.95 -15.17
C GLY F 119 -25.55 -36.49 -15.54
N MET F 120 -26.52 -36.26 -16.42
CA MET F 120 -26.80 -34.89 -16.87
C MET F 120 -27.64 -34.11 -15.86
N GLU F 121 -28.14 -34.75 -14.80
CA GLU F 121 -28.70 -33.97 -13.70
C GLU F 121 -27.62 -33.20 -12.96
N LEU F 122 -26.36 -33.55 -13.19
CA LEU F 122 -25.23 -32.84 -12.59
C LEU F 122 -25.20 -31.38 -13.03
N PHE F 123 -25.75 -31.08 -14.21
CA PHE F 123 -25.67 -29.76 -14.81
C PHE F 123 -26.98 -28.98 -14.72
N ARG F 124 -27.92 -29.41 -13.88
CA ARG F 124 -29.26 -28.84 -13.92
C ARG F 124 -29.26 -27.33 -13.67
N ALA F 125 -28.29 -26.84 -12.90
CA ALA F 125 -28.25 -25.41 -12.59
C ALA F 125 -28.04 -24.56 -13.84
N LEU F 126 -27.54 -25.14 -14.93
CA LEU F 126 -27.30 -24.38 -16.14
C LEU F 126 -28.59 -23.83 -16.72
N GLY F 127 -29.68 -24.59 -16.64
CA GLY F 127 -30.87 -24.25 -17.38
C GLY F 127 -30.77 -24.53 -18.86
N CYS F 128 -29.94 -25.51 -19.24
CA CYS F 128 -29.70 -25.88 -20.64
C CYS F 128 -29.90 -27.39 -20.80
N SER F 129 -31.08 -27.87 -20.41
CA SER F 129 -31.33 -29.31 -20.42
C SER F 129 -31.29 -29.88 -21.83
N GLU F 130 -31.80 -29.13 -22.82
CA GLU F 130 -31.78 -29.63 -24.19
C GLU F 130 -30.36 -29.65 -24.75
N LEU F 131 -29.58 -28.61 -24.51
CA LEU F 131 -28.19 -28.61 -24.94
C LEU F 131 -27.43 -29.76 -24.31
N ILE F 132 -27.49 -29.88 -22.98
CA ILE F 132 -26.80 -30.96 -22.29
C ILE F 132 -27.27 -32.31 -22.80
N SER F 133 -28.59 -32.48 -22.92
CA SER F 133 -29.13 -33.71 -23.49
C SER F 133 -28.51 -34.02 -24.84
N SER F 134 -28.31 -33.00 -25.67
CA SER F 134 -27.69 -33.20 -26.98
C SER F 134 -26.23 -33.64 -26.83
N ILE F 135 -25.52 -33.07 -25.85
CA ILE F 135 -24.13 -33.45 -25.64
C ILE F 135 -24.05 -34.91 -25.22
N PHE F 136 -24.90 -35.32 -24.28
CA PHE F 136 -24.97 -36.73 -23.89
C PHE F 136 -25.37 -37.61 -25.08
N ASP F 137 -26.41 -37.20 -25.80
CA ASP F 137 -26.88 -38.01 -26.93
C ASP F 137 -25.81 -38.11 -28.00
N PHE F 138 -25.10 -37.01 -28.28
CA PHE F 138 -24.04 -37.05 -29.29
C PHE F 138 -22.89 -37.94 -28.84
N SER F 139 -22.53 -37.86 -27.55
CA SER F 139 -21.47 -38.72 -27.03
C SER F 139 -21.90 -40.18 -27.05
N HIS F 140 -23.18 -40.45 -26.78
CA HIS F 140 -23.66 -41.83 -26.79
C HIS F 140 -23.60 -42.43 -28.18
N SER F 141 -24.01 -41.67 -29.20
CA SER F 141 -23.93 -42.15 -30.57
C SER F 141 -22.47 -42.34 -31.00
N LEU F 142 -21.58 -41.46 -30.53
CA LEU F 142 -20.17 -41.58 -30.89
C LEU F 142 -19.52 -42.74 -30.16
N SER F 143 -19.92 -42.99 -28.91
CA SER F 143 -19.36 -44.12 -28.17
C SER F 143 -19.63 -45.44 -28.88
N ALA F 144 -20.76 -45.54 -29.58
CA ALA F 144 -21.10 -46.77 -30.29
C ALA F 144 -20.17 -47.05 -31.46
N LEU F 145 -19.26 -46.14 -31.77
CA LEU F 145 -18.24 -46.40 -32.78
C LEU F 145 -17.00 -47.06 -32.19
N HIS F 146 -16.85 -47.04 -30.87
CA HIS F 146 -15.70 -47.61 -30.19
C HIS F 146 -14.39 -47.07 -30.78
N PHE F 147 -14.29 -45.75 -30.81
CA PHE F 147 -13.10 -45.09 -31.32
C PHE F 147 -11.86 -45.53 -30.56
N SER F 148 -10.83 -45.93 -31.29
CA SER F 148 -9.52 -46.03 -30.69
C SER F 148 -8.92 -44.64 -30.55
N GLU F 149 -7.87 -44.54 -29.74
CA GLU F 149 -7.20 -43.25 -29.60
C GLU F 149 -6.59 -42.81 -30.93
N ASP F 150 -6.02 -43.75 -31.68
CA ASP F 150 -5.50 -43.43 -33.00
C ASP F 150 -6.61 -42.98 -33.95
N GLU F 151 -7.80 -43.56 -33.83
CA GLU F 151 -8.91 -43.14 -34.68
C GLU F 151 -9.41 -41.76 -34.31
N ILE F 152 -9.41 -41.43 -33.02
CA ILE F 152 -9.79 -40.09 -32.61
C ILE F 152 -8.73 -39.08 -33.04
N ALA F 153 -7.46 -39.49 -33.06
CA ALA F 153 -6.39 -38.59 -33.49
C ALA F 153 -6.59 -38.17 -34.94
N LEU F 154 -6.85 -39.14 -35.82
CA LEU F 154 -7.01 -38.83 -37.23
C LEU F 154 -8.34 -38.18 -37.52
N TYR F 155 -9.40 -38.61 -36.83
CA TYR F 155 -10.73 -38.05 -37.10
C TYR F 155 -10.82 -36.60 -36.62
N THR F 156 -10.22 -36.29 -35.48
CA THR F 156 -10.24 -34.91 -34.99
C THR F 156 -9.40 -34.00 -35.88
N ALA F 157 -8.26 -34.50 -36.37
CA ALA F 157 -7.45 -33.73 -37.30
C ALA F 157 -8.22 -33.40 -38.56
N LEU F 158 -9.11 -34.30 -39.01
CA LEU F 158 -9.92 -34.02 -40.18
C LEU F 158 -11.00 -32.99 -39.88
N VAL F 159 -11.59 -33.04 -38.68
CA VAL F 159 -12.58 -32.05 -38.29
C VAL F 159 -11.95 -30.65 -38.30
N LEU F 160 -10.70 -30.56 -37.84
CA LEU F 160 -10.02 -29.27 -37.80
C LEU F 160 -9.69 -28.78 -39.21
N ILE F 161 -8.88 -29.55 -39.93
CA ILE F 161 -8.46 -29.17 -41.28
C ILE F 161 -9.60 -29.42 -42.25
N ASN F 162 -10.40 -28.38 -42.51
CA ASN F 162 -11.52 -28.46 -43.43
C ASN F 162 -11.40 -27.33 -44.44
N ALA F 163 -11.24 -27.69 -45.72
CA ALA F 163 -11.06 -26.70 -46.76
C ALA F 163 -12.33 -25.90 -47.05
N HIS F 164 -13.48 -26.34 -46.54
CA HIS F 164 -14.76 -25.69 -46.84
C HIS F 164 -15.08 -24.54 -45.90
N ARG F 165 -14.36 -24.40 -44.79
CA ARG F 165 -14.68 -23.35 -43.83
C ARG F 165 -14.73 -21.99 -44.54
N PRO F 166 -15.64 -21.11 -44.13
CA PRO F 166 -15.68 -19.78 -44.76
C PRO F 166 -14.65 -18.85 -44.16
N GLY F 167 -14.05 -18.03 -45.03
CA GLY F 167 -12.98 -17.13 -44.63
C GLY F 167 -11.60 -17.63 -44.98
N LEU F 168 -11.45 -18.86 -45.43
CA LEU F 168 -10.15 -19.38 -45.83
C LEU F 168 -9.69 -18.69 -47.11
N GLN F 169 -8.53 -18.03 -47.04
CA GLN F 169 -8.01 -17.34 -48.21
C GLN F 169 -7.22 -18.28 -49.11
N GLU F 170 -6.31 -19.07 -48.54
CA GLU F 170 -5.48 -20.00 -49.30
C GLU F 170 -6.07 -21.41 -49.20
N LYS F 171 -7.18 -21.60 -49.90
CA LYS F 171 -7.91 -22.87 -49.79
C LYS F 171 -7.08 -24.03 -50.30
N ARG F 172 -6.36 -23.85 -51.41
CA ARG F 172 -5.67 -24.98 -52.03
C ARG F 172 -4.55 -25.54 -51.14
N LYS F 173 -3.91 -24.69 -50.34
CA LYS F 173 -2.90 -25.21 -49.42
C LYS F 173 -3.56 -25.87 -48.20
N VAL F 174 -4.75 -25.40 -47.81
CA VAL F 174 -5.56 -26.16 -46.86
C VAL F 174 -6.13 -27.40 -47.53
N GLU F 175 -6.37 -27.33 -48.84
CA GLU F 175 -6.82 -28.51 -49.57
C GLU F 175 -5.80 -29.64 -49.48
N GLN F 176 -4.54 -29.36 -49.82
CA GLN F 176 -3.52 -30.39 -49.82
C GLN F 176 -3.42 -31.08 -48.46
N LEU F 177 -3.39 -30.31 -47.38
CA LEU F 177 -3.29 -30.90 -46.05
C LEU F 177 -4.50 -31.76 -45.72
N GLN F 178 -5.67 -31.39 -46.22
CA GLN F 178 -6.88 -32.14 -45.87
C GLN F 178 -6.90 -33.50 -46.55
N TYR F 179 -6.66 -33.54 -47.87
CA TYR F 179 -6.62 -34.82 -48.57
C TYR F 179 -5.55 -35.73 -47.99
N ASN F 180 -4.38 -35.17 -47.67
CA ASN F 180 -3.33 -35.99 -47.07
C ASN F 180 -3.79 -36.58 -45.74
N LEU F 181 -4.49 -35.78 -44.93
CA LEU F 181 -5.02 -36.32 -43.68
C LEU F 181 -6.16 -37.30 -43.94
N GLU F 182 -7.01 -37.01 -44.92
CA GLU F 182 -8.13 -37.90 -45.21
C GLU F 182 -7.66 -39.28 -45.63
N LEU F 183 -6.67 -39.34 -46.52
CA LEU F 183 -6.19 -40.64 -46.98
C LEU F 183 -5.40 -41.36 -45.89
N ALA F 184 -4.65 -40.61 -45.08
CA ALA F 184 -4.06 -41.21 -43.88
C ALA F 184 -5.13 -41.86 -43.02
N PHE F 185 -6.30 -41.21 -42.93
CA PHE F 185 -7.43 -41.81 -42.23
C PHE F 185 -7.79 -43.15 -42.84
N HIS F 186 -7.89 -43.21 -44.18
CA HIS F 186 -8.27 -44.44 -44.85
C HIS F 186 -7.20 -45.52 -44.70
N HIS F 187 -5.93 -45.15 -44.88
CA HIS F 187 -4.86 -46.13 -44.76
C HIS F 187 -4.90 -46.82 -43.40
N HIS F 188 -4.98 -46.04 -42.33
CA HIS F 188 -4.96 -46.62 -40.99
C HIS F 188 -6.19 -47.49 -40.75
N LEU F 189 -7.34 -47.08 -41.27
CA LEU F 189 -8.57 -47.85 -41.06
C LEU F 189 -8.50 -49.19 -41.79
N HIS F 190 -8.00 -49.21 -43.02
CA HIS F 190 -7.95 -50.46 -43.78
C HIS F 190 -6.90 -51.41 -43.22
N LYS F 191 -5.75 -50.88 -42.78
CA LYS F 191 -4.73 -51.73 -42.19
C LYS F 191 -5.16 -52.31 -40.85
N THR F 192 -6.26 -51.83 -40.27
CA THR F 192 -6.79 -52.37 -39.03
C THR F 192 -8.21 -52.91 -39.20
N HIS F 193 -8.65 -53.10 -40.44
CA HIS F 193 -9.95 -53.70 -40.73
C HIS F 193 -11.09 -52.91 -40.09
N ARG F 194 -10.95 -51.59 -40.06
CA ARG F 194 -11.92 -50.71 -39.43
C ARG F 194 -12.54 -49.73 -40.42
N GLN F 195 -12.54 -50.09 -41.71
CA GLN F 195 -13.12 -49.22 -42.72
C GLN F 195 -14.63 -49.14 -42.64
N SER F 196 -15.28 -50.03 -41.88
CA SER F 196 -16.72 -50.05 -41.80
C SER F 196 -17.30 -48.90 -40.98
N ILE F 197 -16.47 -48.17 -40.22
CA ILE F 197 -16.97 -47.06 -39.42
C ILE F 197 -17.10 -45.77 -40.22
N LEU F 198 -16.56 -45.72 -41.43
CA LEU F 198 -16.66 -44.51 -42.23
C LEU F 198 -18.11 -44.17 -42.55
N ALA F 199 -18.88 -45.17 -42.99
CA ALA F 199 -20.30 -44.98 -43.27
C ALA F 199 -21.12 -44.71 -42.02
N LYS F 200 -20.50 -44.74 -40.83
CA LYS F 200 -21.20 -44.52 -39.58
C LYS F 200 -20.88 -43.19 -38.93
N LEU F 201 -19.86 -42.47 -39.41
CA LEU F 201 -19.48 -41.22 -38.77
C LEU F 201 -20.60 -40.18 -38.90
N PRO F 202 -20.63 -39.20 -38.01
CA PRO F 202 -21.60 -38.11 -38.14
C PRO F 202 -21.26 -37.24 -39.34
N PRO F 203 -22.28 -36.71 -40.04
CA PRO F 203 -22.12 -35.92 -41.26
C PRO F 203 -20.98 -34.89 -41.18
#